data_8VJQ
#
_entry.id   8VJQ
#
_cell.length_a   1.00
_cell.length_b   1.00
_cell.length_c   1.00
_cell.angle_alpha   90.00
_cell.angle_beta   90.00
_cell.angle_gamma   90.00
#
_symmetry.space_group_name_H-M   'P 1'
#
loop_
_entity.id
_entity.type
_entity.pdbx_description
1 polymer 'Vanadium-dependent bromoperoxidase'
2 non-polymer 'BROMIDE ION'
3 non-polymer 'CALCIUM ION'
4 non-polymer 'VANADATE ION'
5 water water
#
_entity_poly.entity_id   1
_entity_poly.type   'polypeptide(L)'
_entity_poly.pdbx_seq_one_letter_code
;MGSSHHHHHHSSGLVPRGSHMASMTGGQQMGRGSEFMGIPADNLQSRAKASFDTRVAAAELALNRGVVPSFANGEELLYR
NPDPDNTDPSFIASFTKGLPHDDNGAIIDPDDFLAFVRAINSGDEKEIADLTLGPARDPETGLPIWRSDLANSLELEVRG
WENSSAGLTFDLEGPDAQSIAMPPAPVLTSPELVAEIAELYLMALGREIEFSEFDSPKNAEYIQFAIDQLNGLEWFNTPA
KLGDPPAEIRRRRGEVTVGNLFRGILPGSEVGPYLSQYIIVGSKQIGSATVGNKTLVSPNAADEFDGEIAYGSITISQRV
RIATPGRDFMTDLKVFLDVQDAADFRGFESYEPGARLIRTIRDLATWVHFDALYEAYLNACLILLANGVPFDPNLPFQQE
DKLDNQDVFVNFGSAHVLSLVTEVATRALKAVRYQKFNIHRRLRPEATGGLISVNKIAPQKGESIFPEVDLAVEELGDIL
EKAEISNRKQNIADGDPDPDPSFLLPMAFAEGSPFHPSYGSGHAVVAGACVTILKAFFDSGIEIDQVFEVDKDEDKLVKS
SFKGTLTVAGELNKLADNIAIGRNMAGVHYFSDQFESLLLGEQVAIGILEEQSLTYGENFFFNLPKFDGTTIQI
;
_entity_poly.pdbx_strand_id   A,B
#
# COMPACT_ATOMS: atom_id res chain seq x y z
N GLN A 45 2.42 -0.19 -35.81
CA GLN A 45 2.03 1.20 -35.61
C GLN A 45 2.90 1.87 -34.55
N SER A 46 2.72 3.18 -34.38
CA SER A 46 3.51 3.93 -33.42
C SER A 46 3.22 3.46 -32.00
N ARG A 47 4.24 3.55 -31.15
CA ARG A 47 4.09 3.11 -29.77
C ARG A 47 3.05 3.95 -29.03
N ALA A 48 3.04 5.26 -29.26
CA ALA A 48 2.01 6.09 -28.68
C ALA A 48 0.62 5.67 -29.17
N LYS A 49 0.50 5.43 -30.48
CA LYS A 49 -0.76 4.96 -31.03
C LYS A 49 -1.10 3.56 -30.52
N ALA A 50 -0.10 2.70 -30.35
CA ALA A 50 -0.35 1.37 -29.81
C ALA A 50 -0.87 1.44 -28.39
N SER A 51 -0.28 2.31 -27.56
CA SER A 51 -0.75 2.47 -26.19
C SER A 51 -2.16 3.06 -26.16
N PHE A 52 -2.43 4.05 -27.01
CA PHE A 52 -3.78 4.59 -27.09
C PHE A 52 -4.79 3.52 -27.50
N ASP A 53 -4.40 2.68 -28.46
CA ASP A 53 -5.27 1.59 -28.88
C ASP A 53 -5.48 0.59 -27.75
N THR A 54 -4.44 0.36 -26.94
CA THR A 54 -4.59 -0.53 -25.79
C THR A 54 -5.57 0.03 -24.77
N ARG A 55 -5.46 1.33 -24.46
CA ARG A 55 -6.41 1.94 -23.53
C ARG A 55 -7.83 1.90 -24.10
N VAL A 56 -7.97 2.18 -25.40
CA VAL A 56 -9.30 2.16 -26.02
C VAL A 56 -9.85 0.74 -26.02
N ALA A 57 -8.99 -0.27 -26.23
CA ALA A 57 -9.43 -1.65 -26.18
C ALA A 57 -9.86 -2.05 -24.78
N ALA A 58 -9.15 -1.57 -23.76
CA ALA A 58 -9.56 -1.84 -22.38
C ALA A 58 -10.90 -1.17 -22.08
N ALA A 59 -11.11 0.05 -22.55
CA ALA A 59 -12.39 0.72 -22.36
C ALA A 59 -13.51 -0.01 -23.09
N GLU A 60 -13.23 -0.48 -24.31
CA GLU A 60 -14.22 -1.24 -25.06
C GLU A 60 -14.55 -2.56 -24.38
N LEU A 61 -13.53 -3.22 -23.82
CA LEU A 61 -13.76 -4.47 -23.10
C LEU A 61 -14.58 -4.23 -21.83
N ALA A 62 -14.36 -3.09 -21.16
CA ALA A 62 -15.21 -2.72 -20.04
C ALA A 62 -16.64 -2.47 -20.51
N LEU A 63 -16.80 -1.84 -21.67
CA LEU A 63 -18.13 -1.61 -22.24
C LEU A 63 -18.83 -2.93 -22.53
N ASN A 64 -18.10 -3.90 -23.10
CA ASN A 64 -18.72 -5.14 -23.55
C ASN A 64 -19.32 -5.94 -22.41
N ARG A 65 -18.77 -5.80 -21.20
CA ARG A 65 -19.40 -6.42 -20.04
C ARG A 65 -20.77 -5.83 -19.76
N GLY A 66 -21.03 -4.61 -20.20
CA GLY A 66 -22.34 -4.00 -20.06
C GLY A 66 -22.60 -3.49 -18.66
N VAL A 67 -23.74 -2.83 -18.50
CA VAL A 67 -24.21 -2.33 -17.22
C VAL A 67 -25.26 -3.30 -16.72
N VAL A 68 -24.93 -4.05 -15.68
CA VAL A 68 -25.90 -4.94 -15.03
C VAL A 68 -26.88 -4.03 -14.28
N PRO A 69 -28.18 -4.14 -14.52
CA PRO A 69 -29.11 -3.20 -13.89
C PRO A 69 -29.23 -3.46 -12.39
N SER A 70 -28.83 -2.47 -11.61
CA SER A 70 -28.78 -2.57 -10.15
C SER A 70 -30.12 -2.12 -9.59
N PHE A 71 -30.79 -3.04 -8.89
CA PHE A 71 -32.14 -2.81 -8.40
C PHE A 71 -32.10 -2.61 -6.89
N ALA A 72 -32.66 -1.49 -6.43
CA ALA A 72 -32.94 -1.35 -5.00
C ALA A 72 -34.16 -2.19 -4.64
N ASN A 73 -34.32 -2.45 -3.35
CA ASN A 73 -35.39 -3.32 -2.88
C ASN A 73 -36.63 -2.56 -2.42
N GLY A 74 -36.65 -1.24 -2.60
CA GLY A 74 -37.88 -0.48 -2.44
C GLY A 74 -38.21 -0.01 -1.04
N GLU A 75 -37.30 -0.15 -0.07
CA GLU A 75 -37.59 0.35 1.26
C GLU A 75 -37.66 1.88 1.29
N GLU A 76 -37.18 2.55 0.25
CA GLU A 76 -37.19 4.01 0.23
C GLU A 76 -38.61 4.56 0.32
N LEU A 77 -39.51 4.04 -0.51
CA LEU A 77 -40.87 4.55 -0.58
C LEU A 77 -41.91 3.59 -0.04
N LEU A 78 -41.51 2.38 0.38
CA LEU A 78 -42.49 1.42 0.88
C LEU A 78 -43.03 1.84 2.24
N TYR A 79 -42.17 2.34 3.12
CA TYR A 79 -42.56 2.69 4.48
C TYR A 79 -42.98 4.16 4.51
N ARG A 80 -44.24 4.42 4.81
CA ARG A 80 -44.78 5.77 4.84
C ARG A 80 -44.85 6.27 6.28
N ASN A 81 -45.06 7.58 6.41
CA ASN A 81 -45.14 8.19 7.72
C ASN A 81 -46.35 7.63 8.48
N PRO A 82 -46.20 7.25 9.75
CA PRO A 82 -47.34 6.69 10.49
C PRO A 82 -48.41 7.71 10.84
N ASP A 83 -48.16 8.99 10.61
CA ASP A 83 -49.18 10.00 10.86
C ASP A 83 -50.33 9.80 9.89
N PRO A 84 -51.58 9.73 10.38
CA PRO A 84 -52.71 9.48 9.47
C PRO A 84 -52.89 10.53 8.39
N ASP A 85 -52.56 11.78 8.67
CA ASP A 85 -52.75 12.87 7.71
C ASP A 85 -51.53 13.10 6.83
N ASN A 86 -50.44 12.38 7.05
CA ASN A 86 -49.21 12.53 6.26
C ASN A 86 -48.95 11.22 5.51
N THR A 87 -48.88 11.32 4.18
CA THR A 87 -48.58 10.18 3.32
C THR A 87 -47.13 10.16 2.85
N ASP A 88 -46.31 11.10 3.31
CA ASP A 88 -44.93 11.15 2.89
C ASP A 88 -44.16 9.93 3.41
N PRO A 89 -43.14 9.48 2.67
CA PRO A 89 -42.39 8.30 3.12
C PRO A 89 -41.69 8.56 4.45
N SER A 90 -41.65 7.52 5.29
CA SER A 90 -40.96 7.65 6.56
C SER A 90 -39.45 7.60 6.37
N PHE A 91 -38.97 6.89 5.35
CA PHE A 91 -37.54 6.71 5.09
C PHE A 91 -36.82 6.12 6.29
N ILE A 92 -37.52 5.26 7.06
CA ILE A 92 -36.90 4.66 8.23
C ILE A 92 -35.85 3.64 7.81
N ALA A 93 -36.10 2.89 6.75
CA ALA A 93 -35.17 1.88 6.26
C ALA A 93 -34.15 2.43 5.30
N SER A 94 -34.20 3.72 5.00
CA SER A 94 -33.22 4.36 4.14
C SER A 94 -32.13 5.02 4.99
N PHE A 95 -31.00 5.31 4.34
CA PHE A 95 -29.89 5.93 5.04
C PHE A 95 -30.18 7.38 5.33
N THR A 96 -30.83 7.65 6.46
CA THR A 96 -31.22 9.00 6.85
C THR A 96 -30.25 9.60 7.87
N LYS A 97 -29.06 9.03 7.98
CA LYS A 97 -28.06 9.56 8.90
C LYS A 97 -27.60 10.93 8.44
N GLY A 98 -27.54 11.88 9.39
CA GLY A 98 -27.13 13.23 9.08
C GLY A 98 -28.30 14.19 8.99
N LEU A 99 -29.38 13.74 8.35
CA LEU A 99 -30.59 14.53 8.32
C LEU A 99 -31.21 14.56 9.71
N PRO A 100 -31.89 15.65 10.07
CA PRO A 100 -32.47 15.74 11.42
C PRO A 100 -33.53 14.67 11.64
N HIS A 101 -33.55 14.13 12.86
CA HIS A 101 -34.50 13.12 13.28
C HIS A 101 -35.31 13.64 14.46
N ASP A 102 -36.46 13.02 14.70
CA ASP A 102 -37.23 13.34 15.90
C ASP A 102 -36.79 12.39 17.01
N ASP A 103 -37.56 12.32 18.09
CA ASP A 103 -37.20 11.47 19.22
C ASP A 103 -37.29 9.98 18.88
N ASN A 104 -37.87 9.62 17.74
CA ASN A 104 -38.12 8.23 17.42
C ASN A 104 -37.19 7.66 16.36
N GLY A 105 -36.34 8.48 15.74
CA GLY A 105 -35.33 7.99 14.82
C GLY A 105 -35.62 8.19 13.35
N ALA A 106 -36.82 8.63 12.97
CA ALA A 106 -37.13 8.93 11.59
C ALA A 106 -36.85 10.40 11.29
N ILE A 107 -36.76 10.73 10.00
CA ILE A 107 -36.51 12.13 9.64
C ILE A 107 -37.78 12.94 9.86
N ILE A 108 -37.62 14.13 10.44
CA ILE A 108 -38.77 15.00 10.66
C ILE A 108 -39.34 15.49 9.34
N ASP A 109 -38.48 15.85 8.39
CA ASP A 109 -38.91 16.32 7.07
C ASP A 109 -38.45 15.33 6.02
N PRO A 110 -39.38 14.64 5.34
CA PRO A 110 -38.95 13.75 4.24
C PRO A 110 -38.21 14.46 3.14
N ASP A 111 -38.58 15.72 2.84
CA ASP A 111 -37.92 16.46 1.77
C ASP A 111 -36.44 16.67 2.06
N ASP A 112 -36.01 16.51 3.31
CA ASP A 112 -34.59 16.49 3.60
C ASP A 112 -33.90 15.32 2.92
N PHE A 113 -34.55 14.15 2.91
CA PHE A 113 -33.93 12.98 2.30
C PHE A 113 -34.01 13.00 0.78
N LEU A 114 -35.08 13.54 0.20
CA LEU A 114 -35.12 13.68 -1.26
C LEU A 114 -34.06 14.66 -1.75
N ALA A 115 -33.81 15.73 -0.99
CA ALA A 115 -32.68 16.59 -1.32
C ALA A 115 -31.36 15.84 -1.22
N PHE A 116 -31.24 14.95 -0.24
CA PHE A 116 -30.04 14.13 -0.11
C PHE A 116 -29.86 13.22 -1.33
N VAL A 117 -30.95 12.61 -1.79
CA VAL A 117 -30.87 11.73 -2.96
C VAL A 117 -30.54 12.54 -4.21
N ARG A 118 -31.12 13.73 -4.34
CA ARG A 118 -30.80 14.58 -5.48
C ARG A 118 -29.34 14.98 -5.47
N ALA A 119 -28.80 15.31 -4.30
CA ALA A 119 -27.38 15.65 -4.19
C ALA A 119 -26.51 14.45 -4.51
N ILE A 120 -26.95 13.24 -4.11
CA ILE A 120 -26.23 12.03 -4.45
C ILE A 120 -26.18 11.84 -5.96
N ASN A 121 -27.34 11.95 -6.61
CA ASN A 121 -27.42 11.65 -8.04
C ASN A 121 -26.69 12.70 -8.87
N SER A 122 -26.85 13.97 -8.53
CA SER A 122 -26.16 15.03 -9.26
C SER A 122 -24.68 15.08 -8.91
N GLY A 123 -24.35 14.97 -7.62
CA GLY A 123 -22.97 15.03 -7.19
C GLY A 123 -22.35 16.40 -7.18
N ASP A 124 -23.15 17.46 -7.33
CA ASP A 124 -22.62 18.80 -7.36
C ASP A 124 -22.08 19.20 -5.99
N GLU A 125 -21.02 20.02 -6.00
CA GLU A 125 -20.44 20.51 -4.75
C GLU A 125 -21.44 21.39 -4.00
N LYS A 126 -22.04 22.35 -4.70
CA LYS A 126 -22.96 23.29 -4.05
C LYS A 126 -24.22 22.58 -3.58
N GLU A 127 -24.73 21.64 -4.37
CA GLU A 127 -25.95 20.92 -3.97
C GLU A 127 -25.71 20.09 -2.72
N ILE A 128 -24.56 19.41 -2.64
CA ILE A 128 -24.23 18.68 -1.42
C ILE A 128 -24.04 19.64 -0.26
N ALA A 129 -23.36 20.75 -0.49
CA ALA A 129 -23.16 21.74 0.57
C ALA A 129 -24.46 22.41 1.00
N ASP A 130 -25.50 22.35 0.17
CA ASP A 130 -26.78 22.96 0.49
C ASP A 130 -27.67 22.06 1.34
N LEU A 131 -27.24 20.83 1.61
CA LEU A 131 -28.05 19.91 2.39
C LEU A 131 -28.13 20.35 3.84
N THR A 132 -29.20 19.94 4.51
CA THR A 132 -29.46 20.29 5.90
C THR A 132 -28.85 19.26 6.89
N LEU A 133 -27.59 18.91 6.62
CA LEU A 133 -26.89 17.94 7.46
C LEU A 133 -26.82 18.43 8.91
N GLY A 134 -27.16 17.54 9.84
CA GLY A 134 -27.12 17.86 11.24
C GLY A 134 -28.41 18.46 11.74
N PRO A 135 -28.52 18.64 13.06
CA PRO A 135 -29.75 19.19 13.63
C PRO A 135 -29.78 20.71 13.60
N ALA A 136 -30.81 21.29 14.20
CA ALA A 136 -30.90 22.74 14.27
C ALA A 136 -29.74 23.32 15.08
N ARG A 137 -29.14 24.38 14.56
CA ARG A 137 -27.96 24.97 15.14
C ARG A 137 -28.32 26.15 16.05
N ASP A 138 -27.48 26.39 17.04
CA ASP A 138 -27.68 27.51 17.95
C ASP A 138 -27.38 28.81 17.23
N PRO A 139 -28.34 29.75 17.17
CA PRO A 139 -28.10 30.98 16.40
C PRO A 139 -26.93 31.82 16.90
N GLU A 140 -26.69 31.85 18.20
CA GLU A 140 -25.66 32.74 18.73
C GLU A 140 -24.26 32.22 18.44
N THR A 141 -24.04 30.91 18.59
CA THR A 141 -22.70 30.34 18.44
C THR A 141 -22.52 29.50 17.18
N GLY A 142 -23.60 29.03 16.57
CA GLY A 142 -23.51 28.22 15.37
C GLY A 142 -23.31 26.74 15.63
N LEU A 143 -23.15 26.34 16.88
CA LEU A 143 -22.98 24.93 17.21
C LEU A 143 -24.34 24.23 17.15
N PRO A 144 -24.43 23.06 16.51
CA PRO A 144 -25.71 22.36 16.44
C PRO A 144 -26.18 21.93 17.82
N ILE A 145 -27.50 21.92 17.99
CA ILE A 145 -28.11 21.54 19.26
C ILE A 145 -28.26 20.03 19.30
N TRP A 146 -27.62 19.40 20.28
CA TRP A 146 -27.59 17.94 20.41
C TRP A 146 -28.55 17.49 21.50
N ARG A 147 -29.17 16.32 21.29
CA ARG A 147 -30.09 15.78 22.27
C ARG A 147 -29.37 15.34 23.53
N SER A 148 -28.26 14.61 23.36
CA SER A 148 -27.55 14.05 24.51
C SER A 148 -26.67 15.11 25.17
N ASP A 149 -26.48 14.95 26.49
CA ASP A 149 -25.58 15.84 27.21
C ASP A 149 -24.13 15.60 26.83
N LEU A 150 -23.80 14.38 26.38
CA LEU A 150 -22.42 14.08 26.00
C LEU A 150 -21.99 14.89 24.79
N ALA A 151 -22.80 14.89 23.73
CA ALA A 151 -22.44 15.63 22.52
C ALA A 151 -22.45 17.13 22.78
N ASN A 152 -23.40 17.62 23.57
CA ASN A 152 -23.43 19.04 23.90
C ASN A 152 -22.21 19.46 24.72
N SER A 153 -21.82 18.64 25.69
CA SER A 153 -20.62 18.93 26.48
C SER A 153 -19.37 18.90 25.62
N LEU A 154 -19.29 17.94 24.70
CA LEU A 154 -18.17 17.89 23.77
C LEU A 154 -18.19 19.01 22.76
N GLU A 155 -19.30 19.75 22.64
CA GLU A 155 -19.45 20.81 21.65
C GLU A 155 -19.21 20.28 20.24
N LEU A 156 -19.85 19.16 19.93
CA LEU A 156 -19.62 18.46 18.68
C LEU A 156 -20.17 19.25 17.50
N GLU A 157 -19.48 19.12 16.37
CA GLU A 157 -19.96 19.64 15.09
C GLU A 157 -20.50 18.48 14.26
N VAL A 158 -21.05 18.81 13.10
CA VAL A 158 -21.66 17.82 12.23
C VAL A 158 -20.59 17.22 11.34
N ARG A 159 -20.79 15.95 10.97
CA ARG A 159 -19.90 15.24 10.05
C ARG A 159 -20.67 14.90 8.79
N GLY A 160 -20.05 15.16 7.64
CA GLY A 160 -20.73 14.97 6.38
C GLY A 160 -20.67 13.55 5.88
N TRP A 161 -21.45 13.30 4.82
CA TRP A 161 -21.47 11.99 4.21
C TRP A 161 -20.15 11.72 3.50
N GLU A 162 -19.66 10.50 3.65
CA GLU A 162 -18.34 10.13 3.10
C GLU A 162 -18.49 9.83 1.62
N ASN A 163 -18.26 10.86 0.80
CA ASN A 163 -18.19 10.75 -0.66
C ASN A 163 -19.49 10.19 -1.24
N SER A 164 -20.55 10.99 -1.07
CA SER A 164 -21.83 10.65 -1.69
C SER A 164 -21.71 10.59 -3.21
N SER A 165 -20.91 11.48 -3.80
CA SER A 165 -20.77 11.58 -5.24
C SER A 165 -19.70 10.67 -5.81
N ALA A 166 -19.04 9.87 -4.97
CA ALA A 166 -18.00 8.97 -5.46
C ALA A 166 -18.54 7.91 -6.40
N GLY A 167 -19.83 7.60 -6.31
CA GLY A 167 -20.41 6.64 -7.23
C GLY A 167 -20.43 7.14 -8.66
N LEU A 168 -20.63 8.44 -8.85
CA LEU A 168 -20.63 9.02 -10.19
C LEU A 168 -19.23 9.11 -10.78
N THR A 169 -18.19 8.98 -9.96
CA THR A 169 -16.83 9.11 -10.45
C THR A 169 -16.48 7.96 -11.38
N PHE A 170 -15.91 8.29 -12.53
CA PHE A 170 -15.51 7.28 -13.50
C PHE A 170 -14.18 6.63 -13.07
N ASP A 171 -13.87 5.50 -13.69
CA ASP A 171 -12.65 4.77 -13.41
C ASP A 171 -11.91 4.50 -14.70
N LEU A 172 -10.58 4.68 -14.66
CA LEU A 172 -9.74 4.39 -15.82
C LEU A 172 -9.40 2.91 -15.94
N GLU A 173 -9.63 2.12 -14.89
CA GLU A 173 -9.45 0.67 -14.96
C GLU A 173 -10.63 -0.02 -14.32
N GLY A 174 -10.92 -1.22 -14.81
CA GLY A 174 -11.97 -2.04 -14.27
C GLY A 174 -13.35 -1.59 -14.69
N PRO A 175 -14.38 -2.28 -14.22
CA PRO A 175 -15.75 -1.87 -14.54
C PRO A 175 -16.06 -0.52 -13.94
N ASP A 176 -16.92 0.23 -14.63
CA ASP A 176 -17.37 1.50 -14.09
C ASP A 176 -18.14 1.28 -12.79
N ALA A 177 -18.15 2.32 -11.96
CA ALA A 177 -18.83 2.22 -10.66
C ALA A 177 -20.29 1.82 -10.82
N GLN A 178 -20.92 2.22 -11.91
CA GLN A 178 -22.30 1.86 -12.21
C GLN A 178 -22.42 0.71 -13.20
N SER A 179 -21.30 0.15 -13.64
CA SER A 179 -21.32 -0.93 -14.63
C SER A 179 -21.57 -2.30 -14.01
N ILE A 180 -21.57 -2.40 -12.70
CA ILE A 180 -21.75 -3.66 -11.99
C ILE A 180 -22.84 -3.49 -10.95
N ALA A 181 -23.69 -4.50 -10.83
CA ALA A 181 -24.88 -4.43 -9.99
C ALA A 181 -24.74 -5.30 -8.76
N MET A 182 -25.38 -4.87 -7.69
CA MET A 182 -25.54 -5.65 -6.48
C MET A 182 -27.03 -5.95 -6.27
N PRO A 183 -27.36 -7.11 -5.72
CA PRO A 183 -28.77 -7.54 -5.67
C PRO A 183 -29.56 -6.65 -4.72
N PRO A 184 -30.90 -6.67 -4.83
CA PRO A 184 -31.72 -5.87 -3.92
C PRO A 184 -31.44 -6.22 -2.47
N ALA A 185 -31.44 -5.20 -1.63
CA ALA A 185 -31.11 -5.36 -0.23
C ALA A 185 -32.21 -6.12 0.51
N PRO A 186 -31.87 -6.75 1.64
CA PRO A 186 -32.91 -7.34 2.48
C PRO A 186 -33.89 -6.27 2.97
N VAL A 187 -35.15 -6.65 3.06
CA VAL A 187 -36.21 -5.74 3.48
C VAL A 187 -36.35 -5.85 5.00
N LEU A 188 -36.79 -4.76 5.63
CA LEU A 188 -36.95 -4.77 7.09
C LEU A 188 -37.92 -5.85 7.55
N THR A 189 -38.96 -6.11 6.77
CA THR A 189 -39.95 -7.13 7.10
C THR A 189 -39.52 -8.53 6.67
N SER A 190 -38.39 -8.67 5.97
CA SER A 190 -37.92 -9.97 5.57
C SER A 190 -37.20 -10.67 6.71
N PRO A 191 -37.25 -12.01 6.76
CA PRO A 191 -36.48 -12.74 7.78
C PRO A 191 -34.97 -12.61 7.63
N GLU A 192 -34.48 -12.23 6.45
CA GLU A 192 -33.05 -12.03 6.28
C GLU A 192 -32.56 -10.85 7.11
N LEU A 193 -33.31 -9.77 7.16
CA LEU A 193 -32.94 -8.64 8.00
C LEU A 193 -32.98 -9.03 9.47
N VAL A 194 -33.97 -9.84 9.87
CA VAL A 194 -34.03 -10.32 11.25
C VAL A 194 -32.79 -11.13 11.58
N ALA A 195 -32.37 -12.01 10.68
CA ALA A 195 -31.17 -12.80 10.91
C ALA A 195 -29.92 -11.93 10.98
N GLU A 196 -29.81 -10.95 10.08
CA GLU A 196 -28.66 -10.06 10.09
C GLU A 196 -28.58 -9.29 11.39
N ILE A 197 -29.72 -8.77 11.86
CA ILE A 197 -29.74 -8.01 13.10
C ILE A 197 -29.46 -8.91 14.28
N ALA A 198 -29.96 -10.16 14.25
CA ALA A 198 -29.65 -11.11 15.31
C ALA A 198 -28.15 -11.39 15.37
N GLU A 199 -27.53 -11.61 14.21
CA GLU A 199 -26.11 -11.89 14.15
C GLU A 199 -25.30 -10.69 14.67
N LEU A 200 -25.70 -9.49 14.28
CA LEU A 200 -24.96 -8.30 14.70
C LEU A 200 -25.14 -8.04 16.19
N TYR A 201 -26.35 -8.24 16.71
CA TYR A 201 -26.57 -8.10 18.15
C TYR A 201 -25.76 -9.13 18.93
N LEU A 202 -25.65 -10.32 18.38
CA LEU A 202 -24.95 -11.43 19.08
C LEU A 202 -23.46 -11.17 18.99
N MET A 203 -22.94 -10.50 17.99
CA MET A 203 -21.56 -10.01 18.00
C MET A 203 -21.39 -8.87 18.99
N ALA A 204 -22.37 -7.97 19.08
CA ALA A 204 -22.25 -6.85 19.99
C ALA A 204 -22.18 -7.30 21.45
N LEU A 205 -23.04 -8.24 21.84
CA LEU A 205 -22.98 -8.77 23.19
C LEU A 205 -21.78 -9.67 23.40
N GLY A 206 -21.22 -10.22 22.32
CA GLY A 206 -20.05 -11.06 22.42
C GLY A 206 -18.81 -10.39 21.87
N ARG A 207 -18.71 -9.07 22.03
CA ARG A 207 -17.51 -8.38 21.57
C ARG A 207 -16.32 -8.59 22.51
N GLU A 208 -16.57 -8.99 23.75
CA GLU A 208 -15.49 -9.28 24.68
C GLU A 208 -15.05 -10.74 24.64
N ILE A 209 -15.69 -11.58 23.84
CA ILE A 209 -15.33 -12.99 23.77
C ILE A 209 -14.22 -13.13 22.74
N GLU A 210 -13.37 -14.13 22.94
CA GLU A 210 -12.18 -14.30 22.11
C GLU A 210 -12.43 -15.30 21.00
N PHE A 211 -11.78 -15.06 19.86
CA PHE A 211 -11.94 -15.96 18.71
C PHE A 211 -11.42 -17.35 19.02
N SER A 212 -10.26 -17.44 19.69
CA SER A 212 -9.69 -18.73 20.04
C SER A 212 -10.56 -19.49 21.03
N GLU A 213 -11.37 -18.78 21.82
CA GLU A 213 -12.21 -19.41 22.83
C GLU A 213 -13.69 -19.39 22.45
N PHE A 214 -13.97 -19.53 21.15
CA PHE A 214 -15.35 -19.75 20.72
C PHE A 214 -15.87 -21.08 21.27
N ASP A 215 -15.08 -22.13 21.13
CA ASP A 215 -15.41 -23.44 21.69
C ASP A 215 -14.65 -23.67 23.00
N SER A 216 -14.95 -22.83 23.99
CA SER A 216 -14.32 -22.92 25.29
C SER A 216 -15.38 -22.93 26.39
N PRO A 217 -15.10 -23.61 27.51
CA PRO A 217 -16.12 -23.69 28.58
C PRO A 217 -16.55 -22.34 29.13
N LYS A 218 -15.63 -21.38 29.25
CA LYS A 218 -16.00 -20.08 29.80
C LYS A 218 -16.96 -19.34 28.89
N ASN A 219 -16.76 -19.43 27.58
CA ASN A 219 -17.64 -18.79 26.61
C ASN A 219 -18.69 -19.74 26.06
N ALA A 220 -18.75 -20.97 26.57
CA ALA A 220 -19.67 -21.96 26.02
C ALA A 220 -21.12 -21.53 26.20
N GLU A 221 -21.45 -20.96 27.36
CA GLU A 221 -22.82 -20.53 27.61
C GLU A 221 -23.27 -19.50 26.58
N TYR A 222 -22.48 -18.45 26.38
CA TYR A 222 -22.87 -17.41 25.44
C TYR A 222 -22.85 -17.91 24.01
N ILE A 223 -21.86 -18.73 23.65
CA ILE A 223 -21.77 -19.23 22.29
C ILE A 223 -22.97 -20.11 21.96
N GLN A 224 -23.36 -20.98 22.90
CA GLN A 224 -24.54 -21.81 22.70
C GLN A 224 -25.81 -20.98 22.67
N PHE A 225 -25.88 -19.92 23.47
CA PHE A 225 -27.04 -19.03 23.42
C PHE A 225 -27.15 -18.38 22.04
N ALA A 226 -26.03 -17.89 21.51
CA ALA A 226 -26.03 -17.26 20.19
C ALA A 226 -26.40 -18.27 19.12
N ILE A 227 -25.87 -19.49 19.21
CA ILE A 227 -26.17 -20.52 18.22
C ILE A 227 -27.65 -20.89 18.25
N ASP A 228 -28.22 -21.04 19.45
CA ASP A 228 -29.64 -21.35 19.57
C ASP A 228 -30.50 -20.21 19.05
N GLN A 229 -30.11 -18.97 19.32
CA GLN A 229 -30.87 -17.82 18.83
C GLN A 229 -30.82 -17.74 17.31
N LEU A 230 -29.65 -17.95 16.72
CA LEU A 230 -29.53 -17.90 15.26
C LEU A 230 -30.29 -19.04 14.61
N ASN A 231 -30.18 -20.26 15.15
CA ASN A 231 -30.88 -21.40 14.58
C ASN A 231 -32.39 -21.31 14.77
N GLY A 232 -32.87 -20.41 15.63
CA GLY A 232 -34.28 -20.19 15.81
C GLY A 232 -34.90 -19.20 14.84
N LEU A 233 -34.13 -18.68 13.90
CA LEU A 233 -34.61 -17.73 12.92
C LEU A 233 -34.94 -18.44 11.62
N GLU A 234 -35.96 -17.94 10.91
CA GLU A 234 -36.38 -18.56 9.66
C GLU A 234 -35.26 -18.56 8.64
N TRP A 235 -34.38 -17.57 8.68
CA TRP A 235 -33.30 -17.48 7.70
C TRP A 235 -32.33 -18.65 7.81
N PHE A 236 -32.00 -19.06 9.03
CA PHE A 236 -30.96 -20.06 9.22
C PHE A 236 -31.50 -21.49 9.18
N ASN A 237 -32.53 -21.79 9.96
CA ASN A 237 -33.04 -23.16 10.01
C ASN A 237 -33.76 -23.55 8.72
N THR A 238 -34.60 -22.66 8.20
CA THR A 238 -35.38 -22.97 7.01
C THR A 238 -34.53 -22.73 5.77
N PRO A 239 -34.38 -23.71 4.89
CA PRO A 239 -33.55 -23.53 3.69
C PRO A 239 -34.25 -22.64 2.67
N ALA A 240 -33.46 -22.18 1.71
CA ALA A 240 -33.97 -21.32 0.66
C ALA A 240 -35.00 -22.05 -0.19
N LYS A 241 -36.09 -21.36 -0.50
CA LYS A 241 -37.17 -21.95 -1.29
C LYS A 241 -36.95 -21.67 -2.77
N LEU A 242 -37.54 -22.53 -3.60
CA LEU A 242 -37.46 -22.35 -5.05
C LEU A 242 -38.27 -21.11 -5.44
N GLY A 243 -37.69 -20.28 -6.31
CA GLY A 243 -38.30 -19.04 -6.70
C GLY A 243 -37.70 -17.81 -6.05
N ASP A 244 -36.90 -17.99 -5.00
CA ASP A 244 -36.20 -16.88 -4.39
C ASP A 244 -35.12 -16.35 -5.34
N PRO A 245 -34.73 -15.09 -5.19
CA PRO A 245 -33.67 -14.54 -6.04
C PRO A 245 -32.38 -15.34 -5.90
N PRO A 246 -31.63 -15.49 -6.99
CA PRO A 246 -30.41 -16.32 -6.91
C PRO A 246 -29.42 -15.83 -5.88
N ALA A 247 -29.28 -14.52 -5.71
CA ALA A 247 -28.37 -13.99 -4.70
C ALA A 247 -28.86 -14.28 -3.29
N GLU A 248 -30.17 -14.20 -3.06
CA GLU A 248 -30.72 -14.52 -1.76
C GLU A 248 -30.48 -15.98 -1.40
N ILE A 249 -30.63 -16.89 -2.37
CA ILE A 249 -30.32 -18.29 -2.14
C ILE A 249 -28.84 -18.47 -1.89
N ARG A 250 -28.00 -17.79 -2.66
CA ARG A 250 -26.55 -17.93 -2.52
C ARG A 250 -26.05 -17.41 -1.18
N ARG A 251 -26.59 -16.28 -0.72
CA ARG A 251 -26.13 -15.65 0.51
C ARG A 251 -26.88 -16.16 1.74
N ARG A 252 -27.79 -17.10 1.58
CA ARG A 252 -28.52 -17.68 2.72
C ARG A 252 -27.61 -18.66 3.44
N ARG A 253 -27.42 -18.45 4.74
CA ARG A 253 -26.60 -19.34 5.56
C ARG A 253 -27.45 -20.47 6.11
N GLY A 254 -26.79 -21.60 6.37
CA GLY A 254 -27.43 -22.77 6.92
C GLY A 254 -27.46 -22.76 8.43
N GLU A 255 -27.51 -23.96 9.01
CA GLU A 255 -27.52 -24.08 10.46
C GLU A 255 -26.24 -23.50 11.06
N VAL A 256 -26.38 -22.72 12.11
CA VAL A 256 -25.25 -22.05 12.74
C VAL A 256 -24.69 -22.97 13.83
N THR A 257 -23.41 -23.31 13.71
CA THR A 257 -22.69 -24.10 14.69
C THR A 257 -21.51 -23.29 15.23
N VAL A 258 -20.73 -23.92 16.11
CA VAL A 258 -19.57 -23.24 16.66
C VAL A 258 -18.52 -23.00 15.58
N GLY A 259 -18.39 -23.93 14.65
CA GLY A 259 -17.38 -23.83 13.60
C GLY A 259 -17.68 -22.83 12.51
N ASN A 260 -18.90 -22.32 12.44
CA ASN A 260 -19.26 -21.32 11.45
C ASN A 260 -19.96 -20.10 12.06
N LEU A 261 -20.04 -20.02 13.39
CA LEU A 261 -20.65 -18.86 14.02
C LEU A 261 -19.84 -17.61 13.73
N PHE A 262 -20.53 -16.54 13.33
CA PHE A 262 -19.92 -15.26 12.99
C PHE A 262 -18.90 -15.38 11.88
N ARG A 263 -19.10 -16.35 10.98
CA ARG A 263 -18.20 -16.57 9.85
C ARG A 263 -18.94 -16.32 8.55
N GLY A 264 -18.17 -15.93 7.53
CA GLY A 264 -18.71 -15.78 6.20
C GLY A 264 -18.92 -17.12 5.52
N ILE A 265 -19.52 -17.07 4.34
CA ILE A 265 -19.79 -18.27 3.57
C ILE A 265 -18.87 -18.37 2.35
N LEU A 266 -17.74 -17.67 2.38
CA LEU A 266 -16.76 -17.80 1.32
C LEU A 266 -16.07 -19.17 1.40
N PRO A 267 -15.61 -19.71 0.26
CA PRO A 267 -14.93 -21.00 0.29
C PRO A 267 -13.60 -20.89 1.03
N GLY A 268 -13.43 -21.73 2.04
CA GLY A 268 -12.26 -21.69 2.90
C GLY A 268 -12.41 -20.79 4.11
N SER A 269 -13.49 -20.02 4.20
CA SER A 269 -13.72 -19.19 5.37
C SER A 269 -14.21 -20.00 6.56
N GLU A 270 -14.96 -21.07 6.32
CA GLU A 270 -15.57 -21.87 7.37
C GLU A 270 -14.69 -23.01 7.85
N VAL A 271 -13.45 -23.10 7.36
CA VAL A 271 -12.55 -24.17 7.73
C VAL A 271 -11.37 -23.60 8.51
N GLY A 272 -10.77 -24.43 9.34
CA GLY A 272 -9.62 -24.02 10.13
C GLY A 272 -9.99 -23.07 11.25
N PRO A 273 -9.00 -22.40 11.81
CA PRO A 273 -9.27 -21.41 12.86
C PRO A 273 -10.05 -20.23 12.31
N TYR A 274 -10.68 -19.49 13.21
CA TYR A 274 -11.50 -18.36 12.78
C TYR A 274 -10.65 -17.30 12.10
N LEU A 275 -9.58 -16.88 12.76
CA LEU A 275 -8.75 -15.80 12.26
C LEU A 275 -7.87 -16.28 11.12
N SER A 276 -7.88 -15.54 10.01
CA SER A 276 -6.98 -15.84 8.91
C SER A 276 -5.54 -15.62 9.36
N GLN A 277 -4.63 -16.40 8.77
CA GLN A 277 -3.22 -16.26 9.13
C GLN A 277 -2.71 -14.87 8.80
N TYR A 278 -3.07 -14.35 7.65
CA TYR A 278 -2.57 -13.05 7.20
C TYR A 278 -3.14 -11.89 8.00
N ILE A 279 -3.90 -12.18 9.06
CA ILE A 279 -4.37 -11.14 9.97
C ILE A 279 -3.72 -11.22 11.34
N ILE A 280 -3.07 -12.35 11.67
CA ILE A 280 -2.42 -12.54 12.97
C ILE A 280 -0.94 -12.87 12.82
N VAL A 281 -0.61 -13.83 11.95
CA VAL A 281 0.79 -14.27 11.87
C VAL A 281 1.61 -13.25 11.10
N GLY A 282 2.90 -13.20 11.41
CA GLY A 282 3.79 -12.29 10.73
C GLY A 282 4.23 -12.83 9.38
N SER A 283 5.52 -12.73 9.08
CA SER A 283 6.03 -13.21 7.81
C SER A 283 7.52 -13.50 7.97
N LYS A 284 8.06 -14.27 7.02
CA LYS A 284 9.48 -14.60 7.02
C LYS A 284 10.31 -13.33 7.00
N GLN A 285 11.02 -13.06 8.09
CA GLN A 285 11.67 -11.77 8.28
C GLN A 285 12.88 -11.63 7.36
N ILE A 286 13.44 -10.42 7.35
CA ILE A 286 14.62 -10.12 6.56
C ILE A 286 15.81 -10.92 7.09
N GLY A 287 16.50 -11.61 6.20
CA GLY A 287 17.58 -12.49 6.56
C GLY A 287 17.24 -13.96 6.55
N SER A 288 15.95 -14.29 6.56
CA SER A 288 15.49 -15.68 6.48
C SER A 288 15.24 -16.07 5.03
N ALA A 289 16.32 -16.03 4.24
CA ALA A 289 16.27 -16.38 2.84
C ALA A 289 17.30 -17.45 2.54
N THR A 290 16.97 -18.34 1.61
CA THR A 290 17.86 -19.43 1.20
C THR A 290 18.67 -18.96 0.00
N VAL A 291 19.99 -18.92 0.16
CA VAL A 291 20.90 -18.54 -0.91
C VAL A 291 21.73 -19.76 -1.27
N GLY A 292 21.64 -20.18 -2.53
CA GLY A 292 22.34 -21.40 -2.95
C GLY A 292 21.87 -22.59 -2.15
N ASN A 293 22.82 -23.40 -1.70
CA ASN A 293 22.47 -24.58 -0.92
C ASN A 293 22.10 -24.23 0.52
N LYS A 294 22.80 -23.26 1.12
CA LYS A 294 22.55 -22.93 2.50
C LYS A 294 21.30 -22.04 2.63
N THR A 295 20.69 -22.08 3.82
CA THR A 295 19.57 -21.23 4.16
C THR A 295 19.89 -20.54 5.48
N LEU A 296 19.96 -19.21 5.45
CA LEU A 296 20.22 -18.44 6.65
C LEU A 296 18.94 -18.22 7.44
N VAL A 297 19.04 -18.33 8.76
CA VAL A 297 17.93 -18.07 9.65
C VAL A 297 18.15 -16.72 10.30
N SER A 298 17.26 -15.77 10.00
CA SER A 298 17.36 -14.42 10.51
C SER A 298 17.34 -14.40 12.03
N PRO A 299 18.14 -13.56 12.67
CA PRO A 299 18.03 -13.43 14.13
C PRO A 299 16.66 -12.97 14.58
N ASN A 300 15.91 -12.27 13.72
CA ASN A 300 14.56 -11.85 14.01
C ASN A 300 13.52 -12.85 13.50
N ALA A 301 13.91 -14.10 13.29
CA ALA A 301 12.96 -15.10 12.79
C ALA A 301 11.82 -15.34 13.78
N ALA A 302 12.06 -15.05 15.06
CA ALA A 302 10.99 -15.18 16.05
C ALA A 302 9.86 -14.20 15.80
N ASP A 303 10.12 -13.10 15.09
CA ASP A 303 9.08 -12.13 14.78
C ASP A 303 8.04 -12.69 13.82
N GLU A 304 8.39 -13.71 13.03
CA GLU A 304 7.41 -14.31 12.12
C GLU A 304 6.26 -14.94 12.90
N PHE A 305 6.57 -15.65 13.97
CA PHE A 305 5.55 -16.24 14.83
C PHE A 305 5.10 -15.29 15.93
N ASP A 306 5.78 -14.16 16.10
CA ASP A 306 5.35 -13.15 17.05
C ASP A 306 4.20 -12.31 16.53
N GLY A 307 3.97 -12.31 15.21
CA GLY A 307 2.96 -11.48 14.61
C GLY A 307 3.53 -10.18 14.10
N GLU A 308 4.60 -10.27 13.30
CA GLU A 308 5.32 -9.11 12.82
C GLU A 308 5.69 -9.33 11.37
N ILE A 309 5.03 -8.60 10.47
CA ILE A 309 5.24 -8.77 9.03
C ILE A 309 6.54 -8.11 8.63
N ALA A 310 7.19 -8.69 7.61
CA ALA A 310 8.38 -8.10 7.01
C ALA A 310 7.94 -7.11 5.93
N TYR A 311 7.61 -5.90 6.37
CA TYR A 311 7.21 -4.82 5.47
C TYR A 311 8.46 -4.32 4.75
N GLY A 312 8.93 -5.12 3.80
CA GLY A 312 10.20 -4.80 3.18
C GLY A 312 11.30 -4.86 4.22
N SER A 313 12.04 -3.76 4.36
CA SER A 313 13.13 -3.70 5.31
C SER A 313 12.67 -3.33 6.72
N ILE A 314 11.40 -2.95 6.89
CA ILE A 314 10.87 -2.62 8.21
C ILE A 314 9.77 -3.60 8.55
N THR A 315 9.14 -3.43 9.71
CA THR A 315 8.20 -4.40 10.23
C THR A 315 6.82 -3.78 10.43
N ILE A 316 5.79 -4.51 10.02
CA ILE A 316 4.41 -4.19 10.37
C ILE A 316 4.02 -5.07 11.55
N SER A 317 3.60 -4.43 12.64
CA SER A 317 3.16 -5.16 13.82
C SER A 317 1.69 -5.55 13.64
N GLN A 318 1.42 -6.84 13.55
CA GLN A 318 0.06 -7.32 13.40
C GLN A 318 -0.79 -7.07 14.64
N ARG A 319 -0.17 -6.70 15.75
CA ARG A 319 -0.90 -6.42 16.98
C ARG A 319 -1.78 -5.18 16.79
N VAL A 320 -3.03 -5.28 17.20
CA VAL A 320 -4.01 -4.22 17.04
C VAL A 320 -4.07 -3.41 18.33
N ARG A 321 -4.43 -2.13 18.20
CA ARG A 321 -4.67 -1.29 19.38
C ARG A 321 -5.83 -1.86 20.18
N ILE A 322 -5.65 -1.93 21.49
CA ILE A 322 -6.61 -2.56 22.38
C ILE A 322 -7.66 -1.52 22.75
N ALA A 323 -8.81 -1.58 22.08
CA ALA A 323 -9.95 -0.79 22.52
C ALA A 323 -10.48 -1.32 23.83
N THR A 324 -11.00 -0.42 24.66
CA THR A 324 -11.34 -0.74 26.05
C THR A 324 -12.37 -1.86 26.12
N PRO A 325 -12.10 -2.93 26.88
CA PRO A 325 -13.11 -3.99 27.03
C PRO A 325 -14.45 -3.45 27.48
N GLY A 326 -15.51 -3.93 26.84
CA GLY A 326 -16.86 -3.69 27.30
C GLY A 326 -17.41 -2.31 27.05
N ARG A 327 -16.62 -1.39 26.49
CA ARG A 327 -17.09 -0.03 26.26
C ARG A 327 -17.74 0.02 24.88
N ASP A 328 -19.03 -0.26 24.84
CA ASP A 328 -19.79 -0.10 23.61
C ASP A 328 -20.28 1.34 23.50
N PHE A 329 -20.64 1.74 22.28
CA PHE A 329 -21.04 3.10 22.00
C PHE A 329 -22.42 3.11 21.34
N MET A 330 -23.06 4.28 21.41
CA MET A 330 -24.40 4.49 20.85
C MET A 330 -25.44 3.57 21.49
N THR A 331 -25.23 3.22 22.77
CA THR A 331 -26.23 2.46 23.51
C THR A 331 -27.32 3.32 24.11
N ASP A 332 -27.15 4.64 24.12
CA ASP A 332 -28.13 5.56 24.64
C ASP A 332 -28.97 6.13 23.50
N LEU A 333 -30.28 6.27 23.74
CA LEU A 333 -31.17 6.75 22.70
C LEU A 333 -30.82 8.17 22.28
N LYS A 334 -30.50 9.04 23.24
CA LYS A 334 -30.12 10.41 22.90
C LYS A 334 -28.81 10.45 22.14
N VAL A 335 -27.82 9.66 22.58
CA VAL A 335 -26.54 9.61 21.87
C VAL A 335 -26.72 9.01 20.49
N PHE A 336 -27.56 7.97 20.38
CA PHE A 336 -27.83 7.38 19.07
C PHE A 336 -28.47 8.38 18.14
N LEU A 337 -29.44 9.16 18.63
CA LEU A 337 -30.08 10.16 17.79
C LEU A 337 -29.11 11.28 17.41
N ASP A 338 -28.22 11.66 18.33
CA ASP A 338 -27.19 12.65 17.99
C ASP A 338 -26.28 12.14 16.89
N VAL A 339 -25.86 10.87 16.97
CA VAL A 339 -25.03 10.30 15.92
C VAL A 339 -25.79 10.25 14.60
N GLN A 340 -27.07 9.87 14.64
CA GLN A 340 -27.90 9.92 13.44
C GLN A 340 -28.03 11.35 12.92
N ASP A 341 -27.91 12.34 13.81
CA ASP A 341 -27.88 13.74 13.42
C ASP A 341 -26.46 14.21 13.09
N ALA A 342 -25.57 13.29 12.73
CA ALA A 342 -24.23 13.59 12.25
C ALA A 342 -23.32 14.14 13.35
N ALA A 343 -23.45 13.61 14.56
CA ALA A 343 -22.52 13.98 15.62
C ALA A 343 -21.14 13.45 15.29
N ASP A 344 -20.14 14.33 15.34
CA ASP A 344 -18.77 13.97 14.99
C ASP A 344 -18.09 13.35 16.21
N PHE A 345 -18.46 12.10 16.49
CA PHE A 345 -17.88 11.34 17.59
C PHE A 345 -16.61 10.61 17.18
N ARG A 346 -16.07 10.89 15.99
CA ARG A 346 -14.88 10.21 15.52
C ARG A 346 -13.71 10.47 16.47
N GLY A 347 -13.02 9.40 16.86
CA GLY A 347 -11.90 9.48 17.77
C GLY A 347 -12.25 9.47 19.24
N PHE A 348 -13.53 9.33 19.59
CA PHE A 348 -13.95 9.36 20.97
C PHE A 348 -13.76 8.03 21.69
N GLU A 349 -13.39 6.98 20.97
CA GLU A 349 -13.19 5.67 21.61
C GLU A 349 -12.01 5.71 22.56
N SER A 350 -12.16 5.04 23.71
CA SER A 350 -11.08 4.92 24.67
C SER A 350 -10.32 3.62 24.42
N TYR A 351 -9.00 3.71 24.44
CA TYR A 351 -8.13 2.59 24.12
C TYR A 351 -7.26 2.25 25.33
N GLU A 352 -6.91 0.98 25.46
CA GLU A 352 -6.00 0.55 26.50
C GLU A 352 -4.56 0.74 26.05
N PRO A 353 -3.64 0.94 26.98
CA PRO A 353 -2.23 1.11 26.61
C PRO A 353 -1.69 -0.15 25.94
N GLY A 354 -0.77 0.07 24.99
CA GLY A 354 -0.17 -1.02 24.27
C GLY A 354 -1.05 -1.54 23.15
N ALA A 355 -0.59 -2.65 22.56
CA ALA A 355 -1.30 -3.29 21.47
C ALA A 355 -1.18 -4.80 21.65
N ARG A 356 -2.13 -5.52 21.04
CA ARG A 356 -2.14 -6.97 21.11
C ARG A 356 -2.69 -7.53 19.82
N LEU A 357 -2.37 -8.79 19.55
CA LEU A 357 -2.92 -9.48 18.39
C LEU A 357 -4.43 -9.58 18.52
N ILE A 358 -5.09 -9.79 17.39
CA ILE A 358 -6.54 -9.94 17.39
C ILE A 358 -6.89 -11.18 18.20
N ARG A 359 -7.50 -10.98 19.36
CA ARG A 359 -8.01 -12.09 20.14
C ARG A 359 -9.51 -11.98 20.38
N THR A 360 -9.99 -10.82 20.81
CA THR A 360 -11.41 -10.63 21.05
C THR A 360 -12.12 -10.16 19.79
N ILE A 361 -13.45 -10.25 19.81
CA ILE A 361 -14.24 -9.76 18.68
C ILE A 361 -14.14 -8.25 18.58
N ARG A 362 -14.11 -7.56 19.72
CA ARG A 362 -13.87 -6.12 19.72
C ARG A 362 -12.52 -5.77 19.12
N ASP A 363 -11.53 -6.66 19.28
CA ASP A 363 -10.23 -6.43 18.66
C ASP A 363 -10.33 -6.44 17.15
N LEU A 364 -11.13 -7.36 16.58
CA LEU A 364 -11.32 -7.36 15.13
C LEU A 364 -12.12 -6.14 14.69
N ALA A 365 -13.09 -5.71 15.50
CA ALA A 365 -13.82 -4.48 15.17
C ALA A 365 -12.88 -3.28 15.14
N THR A 366 -11.97 -3.19 16.11
CA THR A 366 -10.95 -2.15 16.09
C THR A 366 -10.04 -2.28 14.88
N TRP A 367 -9.67 -3.53 14.54
CA TRP A 367 -8.79 -3.76 13.40
C TRP A 367 -9.41 -3.25 12.12
N VAL A 368 -10.71 -3.45 11.94
CA VAL A 368 -11.39 -2.97 10.73
C VAL A 368 -11.89 -1.54 10.87
N HIS A 369 -11.75 -0.92 12.03
CA HIS A 369 -12.18 0.46 12.22
C HIS A 369 -11.40 1.42 11.32
N PHE A 370 -10.11 1.57 11.56
CA PHE A 370 -9.24 2.42 10.76
C PHE A 370 -8.46 1.64 9.71
N ASP A 371 -8.74 0.45 9.52
CA ASP A 371 -8.19 -0.30 8.36
C ASP A 371 -8.17 0.65 7.18
N ALA A 372 -7.12 0.59 6.30
CA ALA A 372 -6.91 1.35 5.08
C ALA A 372 -7.67 0.78 3.89
N LEU A 373 -8.47 -0.27 4.14
CA LEU A 373 -9.31 -0.97 3.17
C LEU A 373 -8.45 -1.81 2.22
N TYR A 374 -7.14 -1.62 2.28
CA TYR A 374 -6.20 -2.59 1.74
C TYR A 374 -5.09 -2.89 2.74
N GLU A 375 -5.15 -2.31 3.94
CA GLU A 375 -4.17 -2.63 4.98
C GLU A 375 -4.11 -4.12 5.24
N ALA A 376 -5.26 -4.76 5.41
CA ALA A 376 -5.29 -6.20 5.62
C ALA A 376 -4.73 -6.94 4.42
N TYR A 377 -5.05 -6.49 3.21
CA TYR A 377 -4.71 -7.24 2.02
C TYR A 377 -3.31 -6.91 1.54
N LEU A 378 -2.87 -5.68 1.78
CA LEU A 378 -1.45 -5.38 1.62
C LEU A 378 -0.62 -6.17 2.62
N ASN A 379 -1.13 -6.34 3.85
CA ASN A 379 -0.45 -7.19 4.81
C ASN A 379 -0.40 -8.63 4.33
N ALA A 380 -1.50 -9.13 3.77
CA ALA A 380 -1.51 -10.48 3.22
C ALA A 380 -0.51 -10.60 2.07
N CYS A 381 -0.46 -9.60 1.20
CA CYS A 381 0.48 -9.64 0.09
C CYS A 381 1.92 -9.62 0.59
N LEU A 382 2.21 -8.79 1.58
CA LEU A 382 3.57 -8.72 2.12
C LEU A 382 3.95 -10.02 2.82
N ILE A 383 2.99 -10.64 3.51
CA ILE A 383 3.24 -11.94 4.13
C ILE A 383 3.53 -12.98 3.07
N LEU A 384 2.73 -13.01 1.99
CA LEU A 384 2.93 -13.99 0.94
C LEU A 384 4.26 -13.78 0.22
N LEU A 385 4.63 -12.53 -0.03
CA LEU A 385 5.92 -12.26 -0.67
C LEU A 385 7.08 -12.64 0.25
N ALA A 386 7.01 -12.22 1.52
CA ALA A 386 8.08 -12.53 2.46
C ALA A 386 8.16 -14.02 2.75
N ASN A 387 7.01 -14.69 2.89
CA ASN A 387 7.00 -16.13 3.14
C ASN A 387 7.50 -16.92 1.94
N GLY A 388 7.66 -16.28 0.79
CA GLY A 388 8.10 -16.99 -0.40
C GLY A 388 7.02 -17.73 -1.14
N VAL A 389 5.75 -17.46 -0.85
CA VAL A 389 4.64 -18.08 -1.56
C VAL A 389 4.73 -17.66 -3.03
N PRO A 390 5.00 -18.57 -3.94
CA PRO A 390 5.17 -18.20 -5.35
C PRO A 390 3.87 -17.72 -5.96
N PHE A 391 3.99 -16.91 -7.00
CA PHE A 391 2.84 -16.35 -7.68
C PHE A 391 2.15 -17.45 -8.47
N ASP A 392 1.15 -17.08 -9.25
CA ASP A 392 0.43 -18.04 -10.05
C ASP A 392 1.39 -18.74 -11.00
N PRO A 393 1.39 -20.07 -11.07
CA PRO A 393 2.30 -20.76 -12.01
C PRO A 393 2.05 -20.39 -13.46
N ASN A 394 0.83 -19.94 -13.80
CA ASN A 394 0.53 -19.50 -15.15
C ASN A 394 1.08 -18.11 -15.46
N LEU A 395 1.50 -17.36 -14.45
CA LEU A 395 2.19 -16.11 -14.71
C LEU A 395 3.54 -16.39 -15.38
N PRO A 396 4.03 -15.47 -16.21
CA PRO A 396 5.27 -15.72 -16.93
C PRO A 396 6.49 -15.43 -16.08
N PHE A 397 7.59 -16.08 -16.45
CA PHE A 397 8.88 -15.95 -15.78
C PHE A 397 8.82 -16.35 -14.32
N GLN A 398 7.89 -17.22 -13.94
CA GLN A 398 7.81 -17.71 -12.57
C GLN A 398 8.73 -18.89 -12.30
N GLN A 399 9.32 -19.47 -13.33
CA GLN A 399 10.22 -20.60 -13.14
C GLN A 399 11.53 -20.14 -12.51
N GLU A 400 12.36 -21.11 -12.15
CA GLU A 400 13.70 -20.80 -11.68
C GLU A 400 14.49 -20.13 -12.80
N ASP A 401 15.31 -19.14 -12.43
CA ASP A 401 15.93 -18.26 -13.42
C ASP A 401 16.91 -18.98 -14.34
N LYS A 402 17.28 -20.22 -14.03
CA LYS A 402 18.08 -21.00 -14.96
C LYS A 402 17.30 -21.32 -16.23
N LEU A 403 15.98 -21.37 -16.15
CA LEU A 403 15.14 -21.74 -17.29
C LEU A 403 14.62 -20.52 -18.04
N ASP A 404 13.87 -19.67 -17.35
CA ASP A 404 13.23 -18.53 -18.02
C ASP A 404 14.17 -17.35 -18.23
N ASN A 405 15.32 -17.33 -17.55
CA ASN A 405 16.29 -16.24 -17.70
C ASN A 405 15.66 -14.88 -17.43
N GLN A 406 14.75 -14.83 -16.47
CA GLN A 406 14.04 -13.59 -16.16
C GLN A 406 13.48 -13.66 -14.76
N ASP A 407 13.65 -12.58 -14.00
CA ASP A 407 13.06 -12.45 -12.68
C ASP A 407 11.89 -11.47 -12.77
N VAL A 408 10.83 -11.76 -12.05
CA VAL A 408 9.60 -10.97 -12.08
C VAL A 408 9.56 -10.11 -10.83
N PHE A 409 9.76 -8.80 -11.01
CA PHE A 409 9.48 -7.84 -9.95
C PHE A 409 8.47 -6.79 -10.38
N VAL A 410 8.73 -6.07 -11.48
CA VAL A 410 7.85 -4.99 -11.89
C VAL A 410 6.53 -5.54 -12.42
N ASN A 411 6.61 -6.58 -13.25
CA ASN A 411 5.44 -7.26 -13.78
C ASN A 411 5.44 -8.70 -13.31
N PHE A 412 4.29 -9.16 -12.83
CA PHE A 412 4.10 -10.53 -12.35
C PHE A 412 5.03 -10.86 -11.18
N GLY A 413 5.46 -9.83 -10.46
CA GLY A 413 6.31 -10.00 -9.31
C GLY A 413 5.79 -9.25 -8.10
N SER A 414 6.68 -8.93 -7.16
CA SER A 414 6.25 -8.29 -5.92
C SER A 414 5.60 -6.93 -6.19
N ALA A 415 6.27 -6.09 -6.99
CA ALA A 415 5.76 -4.75 -7.24
C ALA A 415 4.41 -4.80 -7.96
N HIS A 416 4.27 -5.69 -8.93
CA HIS A 416 3.03 -5.77 -9.69
C HIS A 416 1.86 -6.17 -8.80
N VAL A 417 2.04 -7.21 -7.99
CA VAL A 417 0.94 -7.68 -7.15
C VAL A 417 0.61 -6.63 -6.08
N LEU A 418 1.62 -5.98 -5.51
CA LEU A 418 1.37 -4.93 -4.54
C LEU A 418 0.57 -3.80 -5.16
N SER A 419 1.01 -3.32 -6.32
CA SER A 419 0.34 -2.19 -6.96
C SER A 419 -1.08 -2.55 -7.36
N LEU A 420 -1.30 -3.75 -7.89
CA LEU A 420 -2.65 -4.14 -8.28
C LEU A 420 -3.55 -4.30 -7.07
N VAL A 421 -3.04 -4.88 -5.98
CA VAL A 421 -3.87 -5.10 -4.81
C VAL A 421 -4.24 -3.79 -4.14
N THR A 422 -3.38 -2.78 -4.23
CA THR A 422 -3.76 -1.49 -3.65
C THR A 422 -4.43 -0.54 -4.65
N GLU A 423 -4.40 -0.83 -5.95
CA GLU A 423 -5.12 -0.01 -6.91
C GLU A 423 -6.53 -0.54 -7.19
N VAL A 424 -6.77 -1.81 -6.91
CA VAL A 424 -8.13 -2.35 -6.96
C VAL A 424 -8.99 -1.75 -5.86
N ALA A 425 -8.38 -1.01 -4.93
CA ALA A 425 -9.12 -0.45 -3.81
C ALA A 425 -10.02 0.71 -4.23
N THR A 426 -9.49 1.63 -5.06
CA THR A 426 -10.25 2.83 -5.39
C THR A 426 -11.43 2.53 -6.29
N ARG A 427 -11.22 1.70 -7.32
CA ARG A 427 -12.32 1.35 -8.21
C ARG A 427 -13.41 0.58 -7.47
N ALA A 428 -13.00 -0.36 -6.61
CA ALA A 428 -13.97 -1.10 -5.80
C ALA A 428 -14.72 -0.15 -4.87
N LEU A 429 -14.01 0.80 -4.26
CA LEU A 429 -14.67 1.75 -3.37
C LEU A 429 -15.63 2.65 -4.12
N LYS A 430 -15.31 3.04 -5.35
CA LYS A 430 -16.26 3.82 -6.13
C LYS A 430 -17.49 3.01 -6.49
N ALA A 431 -17.29 1.73 -6.84
CA ALA A 431 -18.43 0.86 -7.11
C ALA A 431 -19.33 0.72 -5.88
N VAL A 432 -18.72 0.51 -4.71
CA VAL A 432 -19.53 0.37 -3.51
C VAL A 432 -20.15 1.71 -3.12
N ARG A 433 -19.60 2.83 -3.51
CA ARG A 433 -20.15 4.17 -3.20
C ARG A 433 -21.35 4.39 -4.08
N TYR A 434 -21.29 3.90 -5.28
CA TYR A 434 -22.49 3.90 -6.11
C TYR A 434 -23.57 3.02 -5.50
N GLN A 435 -23.23 1.78 -5.18
CA GLN A 435 -24.23 0.85 -4.63
C GLN A 435 -24.80 1.36 -3.31
N LYS A 436 -24.01 2.11 -2.55
CA LYS A 436 -24.49 2.68 -1.28
C LYS A 436 -25.45 3.83 -1.54
N PHE A 437 -24.98 4.86 -2.24
CA PHE A 437 -25.70 6.12 -2.29
C PHE A 437 -26.72 6.18 -3.41
N ASN A 438 -26.36 5.79 -4.62
CA ASN A 438 -27.22 6.05 -5.77
C ASN A 438 -28.29 5.00 -5.99
N ILE A 439 -28.21 3.85 -5.33
CA ILE A 439 -29.23 2.81 -5.52
C ILE A 439 -29.91 2.43 -4.21
N HIS A 440 -29.14 1.89 -3.27
CA HIS A 440 -29.73 1.22 -2.13
C HIS A 440 -30.03 2.17 -0.98
N ARG A 441 -29.03 2.91 -0.51
CA ARG A 441 -29.18 3.81 0.63
C ARG A 441 -29.75 3.09 1.85
N ARG A 442 -29.27 1.87 2.08
CA ARG A 442 -29.78 1.08 3.18
C ARG A 442 -29.45 1.73 4.51
N LEU A 443 -30.40 1.67 5.44
CA LEU A 443 -30.16 2.19 6.77
C LEU A 443 -29.06 1.38 7.45
N ARG A 444 -28.25 2.05 8.26
CA ARG A 444 -27.15 1.39 8.92
C ARG A 444 -27.68 0.45 10.01
N PRO A 445 -26.90 -0.57 10.36
CA PRO A 445 -27.34 -1.47 11.45
C PRO A 445 -27.59 -0.77 12.76
N GLU A 446 -26.90 0.33 13.04
CA GLU A 446 -27.27 1.14 14.21
C GLU A 446 -28.63 1.79 14.00
N ALA A 447 -28.96 2.17 12.76
CA ALA A 447 -30.28 2.72 12.49
C ALA A 447 -31.36 1.66 12.67
N THR A 448 -31.10 0.41 12.29
CA THR A 448 -32.07 -0.71 12.48
C THR A 448 -32.12 -1.10 13.94
N GLY A 449 -31.05 -0.93 14.67
CA GLY A 449 -31.11 -1.09 16.11
C GLY A 449 -31.93 0.00 16.77
N GLY A 450 -31.82 1.22 16.27
CA GLY A 450 -32.65 2.30 16.79
C GLY A 450 -34.13 2.10 16.50
N LEU A 451 -34.44 1.66 15.27
CA LEU A 451 -35.83 1.37 14.94
C LEU A 451 -36.38 0.27 15.84
N ILE A 452 -35.59 -0.78 16.07
CA ILE A 452 -36.01 -1.87 16.94
C ILE A 452 -36.17 -1.39 18.38
N SER A 453 -35.27 -0.51 18.82
CA SER A 453 -35.34 0.03 20.17
C SER A 453 -36.63 0.83 20.37
N VAL A 454 -36.94 1.72 19.43
CA VAL A 454 -38.17 2.49 19.55
C VAL A 454 -39.39 1.59 19.41
N ASN A 455 -39.32 0.57 18.58
CA ASN A 455 -40.45 -0.34 18.43
C ASN A 455 -40.71 -1.11 19.73
N LYS A 456 -39.65 -1.58 20.39
CA LYS A 456 -39.80 -2.32 21.63
C LYS A 456 -40.06 -1.41 22.83
N ILE A 457 -39.74 -0.13 22.73
CA ILE A 457 -39.98 0.80 23.82
C ILE A 457 -41.39 1.43 23.73
N ALA A 458 -41.93 1.52 22.52
CA ALA A 458 -43.25 2.12 22.36
C ALA A 458 -44.35 1.46 23.20
N PRO A 459 -44.46 0.12 23.30
CA PRO A 459 -45.47 -0.44 24.20
C PRO A 459 -45.27 -0.05 25.66
N GLN A 460 -44.03 0.17 26.08
CA GLN A 460 -43.79 0.57 27.47
C GLN A 460 -44.38 1.94 27.77
N LYS A 461 -44.40 2.85 26.79
CA LYS A 461 -45.04 4.15 26.94
C LYS A 461 -46.45 4.17 26.37
N GLY A 462 -46.97 3.02 25.94
CA GLY A 462 -48.32 2.94 25.40
C GLY A 462 -48.46 3.31 23.94
N GLU A 463 -47.37 3.64 23.26
CA GLU A 463 -47.40 3.99 21.85
C GLU A 463 -47.10 2.76 21.01
N SER A 464 -47.12 2.93 19.68
CA SER A 464 -46.75 1.87 18.77
C SER A 464 -46.29 2.46 17.44
N ILE A 465 -44.99 2.35 17.15
CA ILE A 465 -44.41 2.95 15.95
C ILE A 465 -43.49 1.93 15.30
N PHE A 466 -43.19 2.17 14.02
CA PHE A 466 -42.43 1.28 13.16
C PHE A 466 -43.00 -0.13 13.15
N PRO A 467 -44.21 -0.35 12.61
CA PRO A 467 -44.67 -1.73 12.42
C PRO A 467 -44.03 -2.38 11.20
N GLU A 468 -42.72 -2.17 11.05
CA GLU A 468 -41.94 -2.79 9.98
C GLU A 468 -40.86 -3.70 10.56
N VAL A 469 -40.29 -3.31 11.70
CA VAL A 469 -39.34 -4.14 12.42
C VAL A 469 -40.11 -4.87 13.53
N ASP A 470 -41.43 -4.93 13.39
CA ASP A 470 -42.24 -5.67 14.35
C ASP A 470 -41.89 -7.15 14.34
N LEU A 471 -41.65 -7.71 13.16
CA LEU A 471 -41.21 -9.10 13.07
C LEU A 471 -39.86 -9.28 13.75
N ALA A 472 -38.94 -8.33 13.53
CA ALA A 472 -37.63 -8.40 14.18
C ALA A 472 -37.77 -8.30 15.70
N VAL A 473 -38.58 -7.35 16.17
CA VAL A 473 -38.74 -7.17 17.61
C VAL A 473 -39.34 -8.42 18.25
N GLU A 474 -40.36 -9.00 17.61
CA GLU A 474 -40.97 -10.22 18.12
C GLU A 474 -39.98 -11.37 18.12
N GLU A 475 -39.19 -11.51 17.06
CA GLU A 475 -38.33 -12.67 16.88
C GLU A 475 -37.06 -12.60 17.73
N LEU A 476 -36.67 -11.42 18.19
CA LEU A 476 -35.41 -11.22 18.90
C LEU A 476 -35.62 -11.06 20.40
N GLY A 477 -36.57 -11.79 20.99
CA GLY A 477 -36.87 -11.66 22.40
C GLY A 477 -35.66 -11.79 23.32
N ASP A 478 -35.03 -12.97 23.33
CA ASP A 478 -33.89 -13.20 24.20
C ASP A 478 -32.71 -12.31 23.81
N ILE A 479 -32.47 -12.18 22.51
CA ILE A 479 -31.36 -11.34 22.05
C ILE A 479 -31.57 -9.90 22.48
N LEU A 480 -32.79 -9.40 22.35
CA LEU A 480 -33.03 -8.00 22.68
C LEU A 480 -33.06 -7.77 24.19
N GLU A 481 -33.46 -8.76 24.98
CA GLU A 481 -33.37 -8.54 26.43
C GLU A 481 -31.92 -8.58 26.90
N LYS A 482 -31.10 -9.45 26.31
CA LYS A 482 -29.66 -9.41 26.59
C LYS A 482 -29.06 -8.07 26.16
N ALA A 483 -29.49 -7.56 25.00
CA ALA A 483 -29.03 -6.26 24.54
C ALA A 483 -29.47 -5.15 25.48
N GLU A 484 -30.70 -5.25 26.00
CA GLU A 484 -31.18 -4.25 26.95
C GLU A 484 -30.32 -4.25 28.21
N ILE A 485 -29.97 -5.44 28.71
CA ILE A 485 -29.10 -5.51 29.88
C ILE A 485 -27.74 -4.89 29.57
N SER A 486 -27.18 -5.23 28.40
CA SER A 486 -25.86 -4.71 28.04
C SER A 486 -25.88 -3.19 27.90
N ASN A 487 -26.90 -2.65 27.24
CA ASN A 487 -26.98 -1.21 27.08
C ASN A 487 -27.27 -0.50 28.40
N ARG A 488 -28.02 -1.14 29.30
CA ARG A 488 -28.21 -0.57 30.62
C ARG A 488 -26.87 -0.48 31.36
N LYS A 489 -26.08 -1.53 31.30
CA LYS A 489 -24.75 -1.50 31.91
C LYS A 489 -23.89 -0.41 31.30
N GLN A 490 -23.90 -0.31 29.97
CA GLN A 490 -23.07 0.68 29.28
C GLN A 490 -23.51 2.10 29.60
N ASN A 491 -24.82 2.34 29.67
CA ASN A 491 -25.31 3.68 29.98
C ASN A 491 -25.07 4.03 31.44
N ILE A 492 -25.13 3.06 32.35
CA ILE A 492 -24.76 3.32 33.73
C ILE A 492 -23.29 3.69 33.82
N ALA A 493 -22.43 2.99 33.08
CA ALA A 493 -21.02 3.35 33.03
C ALA A 493 -20.80 4.71 32.39
N ASP A 494 -21.67 5.09 31.44
CA ASP A 494 -21.50 6.36 30.74
C ASP A 494 -21.74 7.55 31.67
N GLY A 495 -22.68 7.42 32.60
CA GLY A 495 -22.96 8.51 33.51
C GLY A 495 -24.43 8.69 33.84
N ASP A 496 -25.29 7.87 33.26
CA ASP A 496 -26.72 7.94 33.56
C ASP A 496 -27.01 7.14 34.83
N PRO A 497 -27.46 7.78 35.92
CA PRO A 497 -27.73 7.02 37.15
C PRO A 497 -28.77 5.93 36.98
N ASP A 498 -29.83 6.20 36.21
CA ASP A 498 -30.90 5.23 35.98
C ASP A 498 -31.37 5.40 34.54
N PRO A 499 -30.63 4.85 33.58
CA PRO A 499 -31.03 5.00 32.18
C PRO A 499 -32.32 4.26 31.88
N ASP A 500 -33.11 4.83 30.97
CA ASP A 500 -34.30 4.16 30.50
C ASP A 500 -33.91 2.94 29.68
N PRO A 501 -34.74 1.89 29.69
CA PRO A 501 -34.43 0.70 28.89
C PRO A 501 -34.16 1.05 27.44
N SER A 502 -33.08 0.51 26.89
CA SER A 502 -32.67 0.82 25.52
C SER A 502 -32.17 -0.46 24.87
N PHE A 503 -32.88 -0.91 23.83
CA PHE A 503 -32.50 -2.09 23.08
C PHE A 503 -31.64 -1.75 21.87
N LEU A 504 -30.92 -0.62 21.93
CA LEU A 504 -30.05 -0.22 20.84
C LEU A 504 -28.91 -1.22 20.67
N LEU A 505 -28.46 -1.33 19.44
CA LEU A 505 -27.35 -2.22 19.13
C LEU A 505 -26.07 -1.65 19.74
N PRO A 506 -25.42 -2.36 20.66
CA PRO A 506 -24.11 -1.90 21.13
C PRO A 506 -23.15 -1.83 19.97
N MET A 507 -22.34 -0.77 19.94
CA MET A 507 -21.45 -0.55 18.81
C MET A 507 -20.04 -0.25 19.31
N ALA A 508 -19.06 -0.82 18.61
CA ALA A 508 -17.68 -0.66 19.02
C ALA A 508 -17.09 0.68 18.62
N PHE A 509 -17.76 1.41 17.73
CA PHE A 509 -17.24 2.69 17.26
C PHE A 509 -17.99 3.84 17.92
N ALA A 510 -17.24 4.81 18.42
CA ALA A 510 -17.85 5.97 19.05
C ALA A 510 -18.68 6.77 18.06
N GLU A 511 -18.16 6.95 16.85
CA GLU A 511 -18.88 7.67 15.79
C GLU A 511 -19.95 6.82 15.14
N GLY A 512 -20.11 5.58 15.61
CA GLY A 512 -20.99 4.66 14.94
C GLY A 512 -20.38 4.22 13.62
N SER A 513 -21.23 3.95 12.67
CA SER A 513 -20.78 3.55 11.35
C SER A 513 -20.19 4.73 10.61
N PRO A 514 -19.38 4.49 9.59
CA PRO A 514 -19.00 5.58 8.68
C PRO A 514 -20.24 6.14 8.02
N PHE A 515 -20.09 7.34 7.47
CA PHE A 515 -21.25 8.15 7.10
C PHE A 515 -21.69 7.86 5.66
N HIS A 516 -21.89 6.57 5.38
CA HIS A 516 -22.42 6.14 4.10
C HIS A 516 -23.28 4.91 4.32
N PRO A 517 -24.22 4.63 3.42
CA PRO A 517 -25.19 3.56 3.66
C PRO A 517 -24.54 2.20 3.85
N SER A 518 -25.27 1.29 4.47
CA SER A 518 -24.74 -0.01 4.87
C SER A 518 -24.61 -0.92 3.70
N TYR A 519 -25.41 -0.74 2.69
CA TYR A 519 -25.45 -1.65 1.54
C TYR A 519 -25.04 -0.88 0.29
N GLY A 520 -23.92 -1.26 -0.30
CA GLY A 520 -23.07 -2.34 0.14
C GLY A 520 -22.04 -1.92 1.18
N SER A 521 -21.06 -2.78 1.41
CA SER A 521 -20.02 -2.54 2.41
C SER A 521 -18.72 -2.16 1.70
N GLY A 522 -18.17 -0.99 2.04
CA GLY A 522 -16.91 -0.60 1.45
C GLY A 522 -15.78 -1.53 1.84
N HIS A 523 -15.56 -1.80 3.10
CA HIS A 523 -14.47 -2.76 3.43
C HIS A 523 -14.73 -4.14 2.87
N ALA A 524 -15.97 -4.64 2.77
CA ALA A 524 -16.13 -5.95 2.15
C ALA A 524 -15.95 -5.90 0.63
N VAL A 525 -16.32 -4.79 -0.01
CA VAL A 525 -16.08 -4.66 -1.45
C VAL A 525 -14.59 -4.66 -1.73
N VAL A 526 -13.83 -3.85 -0.99
CA VAL A 526 -12.39 -3.85 -1.20
C VAL A 526 -11.80 -5.17 -0.73
N ALA A 527 -12.44 -5.85 0.23
CA ALA A 527 -12.02 -7.19 0.61
C ALA A 527 -12.09 -8.13 -0.56
N GLY A 528 -13.25 -8.20 -1.21
CA GLY A 528 -13.41 -9.05 -2.37
C GLY A 528 -12.42 -8.68 -3.46
N ALA A 529 -12.28 -7.38 -3.73
CA ALA A 529 -11.40 -6.94 -4.80
C ALA A 529 -9.94 -7.32 -4.52
N CYS A 530 -9.43 -6.97 -3.34
CA CYS A 530 -8.02 -7.19 -3.04
C CYS A 530 -7.72 -8.68 -2.88
N VAL A 531 -8.62 -9.42 -2.21
CA VAL A 531 -8.39 -10.84 -2.04
C VAL A 531 -8.48 -11.56 -3.39
N THR A 532 -9.36 -11.12 -4.27
CA THR A 532 -9.42 -11.68 -5.61
C THR A 532 -8.14 -11.38 -6.37
N ILE A 533 -7.60 -10.16 -6.23
CA ILE A 533 -6.33 -9.82 -6.87
C ILE A 533 -5.23 -10.73 -6.36
N LEU A 534 -5.17 -10.94 -5.05
CA LEU A 534 -4.12 -11.76 -4.47
C LEU A 534 -4.26 -13.23 -4.89
N LYS A 535 -5.49 -13.74 -4.94
CA LYS A 535 -5.69 -15.13 -5.36
C LYS A 535 -5.37 -15.31 -6.83
N ALA A 536 -5.68 -14.31 -7.66
CA ALA A 536 -5.31 -14.37 -9.07
C ALA A 536 -3.80 -14.32 -9.24
N PHE A 537 -3.12 -13.51 -8.42
CA PHE A 537 -1.68 -13.36 -8.55
C PHE A 537 -0.92 -14.52 -7.92
N PHE A 538 -1.08 -14.71 -6.62
CA PHE A 538 -0.34 -15.75 -5.94
C PHE A 538 -0.90 -17.12 -6.29
N ASP A 539 -0.08 -18.15 -6.07
CA ASP A 539 -0.52 -19.52 -6.29
C ASP A 539 -1.49 -19.85 -5.15
N SER A 540 -2.75 -19.45 -5.36
CA SER A 540 -3.74 -19.47 -4.30
C SER A 540 -4.02 -20.87 -3.78
N GLY A 541 -3.75 -21.91 -4.58
CA GLY A 541 -4.01 -23.26 -4.14
C GLY A 541 -2.95 -23.85 -3.23
N ILE A 542 -1.92 -23.09 -2.88
CA ILE A 542 -0.83 -23.62 -2.09
C ILE A 542 -1.26 -23.78 -0.64
N GLU A 543 -1.06 -24.99 -0.10
CA GLU A 543 -1.41 -25.24 1.29
C GLU A 543 -0.44 -24.53 2.22
N ILE A 544 -0.95 -24.12 3.38
CA ILE A 544 -0.15 -23.42 4.38
C ILE A 544 0.34 -24.43 5.40
N ASP A 545 1.66 -24.49 5.59
CA ASP A 545 2.24 -25.48 6.47
C ASP A 545 1.98 -25.16 7.94
N GLN A 546 2.13 -23.90 8.33
CA GLN A 546 2.02 -23.48 9.72
C GLN A 546 0.71 -22.74 9.91
N VAL A 547 -0.24 -23.37 10.60
CA VAL A 547 -1.52 -22.78 10.93
C VAL A 547 -1.45 -22.28 12.38
N PHE A 548 -1.53 -20.97 12.56
CA PHE A 548 -1.31 -20.34 13.86
C PHE A 548 -2.61 -19.76 14.40
N GLU A 549 -2.78 -19.88 15.71
CA GLU A 549 -3.95 -19.34 16.40
C GLU A 549 -3.48 -18.62 17.65
N VAL A 550 -4.18 -17.54 18.00
CA VAL A 550 -3.81 -16.75 19.17
C VAL A 550 -4.06 -17.56 20.44
N ASP A 551 -3.19 -17.39 21.42
CA ASP A 551 -3.29 -18.13 22.67
C ASP A 551 -4.56 -17.79 23.44
N LYS A 552 -5.02 -18.77 24.21
CA LYS A 552 -6.19 -18.57 25.06
C LYS A 552 -5.93 -17.53 26.13
N ASP A 553 -4.73 -17.56 26.74
CA ASP A 553 -4.42 -16.68 27.86
C ASP A 553 -3.31 -15.68 27.58
N GLU A 554 -2.53 -15.86 26.52
CA GLU A 554 -1.37 -15.01 26.24
C GLU A 554 -1.53 -14.31 24.90
N ASP A 555 -0.82 -13.20 24.75
CA ASP A 555 -0.81 -12.43 23.51
C ASP A 555 0.34 -12.92 22.62
N LYS A 556 0.19 -14.15 22.14
CA LYS A 556 1.18 -14.73 21.24
C LYS A 556 0.51 -15.80 20.40
N LEU A 557 1.18 -16.17 19.31
CA LEU A 557 0.64 -17.13 18.35
C LEU A 557 1.17 -18.52 18.64
N VAL A 558 0.27 -19.50 18.66
CA VAL A 558 0.61 -20.90 18.84
C VAL A 558 -0.06 -21.70 17.73
N LYS A 559 0.46 -22.92 17.53
CA LYS A 559 -0.10 -23.81 16.51
C LYS A 559 -1.57 -24.07 16.80
N SER A 560 -2.41 -23.92 15.78
CA SER A 560 -3.83 -24.13 15.94
C SER A 560 -4.15 -25.61 16.12
N SER A 561 -5.24 -25.88 16.85
CA SER A 561 -5.69 -27.25 17.02
C SER A 561 -6.19 -27.88 15.73
N PHE A 562 -6.40 -27.07 14.68
CA PHE A 562 -6.89 -27.58 13.40
C PHE A 562 -5.87 -28.53 12.79
N LYS A 563 -6.22 -29.81 12.68
CA LYS A 563 -5.32 -30.82 12.15
C LYS A 563 -5.39 -30.96 10.64
N GLY A 564 -6.24 -30.18 9.98
CA GLY A 564 -6.36 -30.21 8.54
C GLY A 564 -5.37 -29.29 7.86
N THR A 565 -5.74 -28.81 6.67
CA THR A 565 -4.87 -27.96 5.87
C THR A 565 -5.68 -26.79 5.31
N LEU A 566 -4.98 -25.67 5.12
CA LEU A 566 -5.57 -24.45 4.56
C LEU A 566 -4.76 -24.00 3.36
N THR A 567 -5.45 -23.66 2.28
CA THR A 567 -4.81 -23.13 1.10
C THR A 567 -4.52 -21.64 1.26
N VAL A 568 -3.71 -21.11 0.35
CA VAL A 568 -3.54 -19.65 0.28
C VAL A 568 -4.85 -19.00 -0.16
N ALA A 569 -5.57 -19.62 -1.09
CA ALA A 569 -6.90 -19.14 -1.44
C ALA A 569 -7.84 -19.21 -0.24
N GLY A 570 -7.78 -20.31 0.51
CA GLY A 570 -8.59 -20.40 1.72
C GLY A 570 -8.24 -19.34 2.73
N GLU A 571 -6.95 -19.08 2.94
CA GLU A 571 -6.54 -18.05 3.88
C GLU A 571 -6.97 -16.67 3.42
N LEU A 572 -6.88 -16.38 2.12
CA LEU A 572 -7.27 -15.07 1.63
C LEU A 572 -8.78 -14.88 1.70
N ASN A 573 -9.55 -15.93 1.38
CA ASN A 573 -11.00 -15.85 1.56
C ASN A 573 -11.36 -15.69 3.03
N LYS A 574 -10.65 -16.37 3.92
CA LYS A 574 -10.87 -16.22 5.35
C LYS A 574 -10.52 -14.81 5.80
N LEU A 575 -9.49 -14.20 5.21
CA LEU A 575 -9.14 -12.82 5.57
C LEU A 575 -10.19 -11.84 5.08
N ALA A 576 -10.71 -12.06 3.86
CA ALA A 576 -11.80 -11.22 3.37
C ALA A 576 -13.02 -11.35 4.26
N ASP A 577 -13.35 -12.59 4.65
CA ASP A 577 -14.44 -12.82 5.59
C ASP A 577 -14.17 -12.12 6.93
N ASN A 578 -12.93 -12.20 7.41
CA ASN A 578 -12.59 -11.59 8.69
C ASN A 578 -12.80 -10.09 8.65
N ILE A 579 -12.29 -9.43 7.60
CA ILE A 579 -12.40 -7.99 7.52
C ILE A 579 -13.84 -7.56 7.30
N ALA A 580 -14.58 -8.30 6.47
CA ALA A 580 -15.99 -7.97 6.26
C ALA A 580 -16.78 -8.12 7.56
N ILE A 581 -16.67 -9.28 8.21
CA ILE A 581 -17.48 -9.56 9.39
C ILE A 581 -17.01 -8.78 10.61
N GLY A 582 -15.76 -8.29 10.61
CA GLY A 582 -15.35 -7.39 11.67
C GLY A 582 -16.16 -6.10 11.67
N ARG A 583 -16.67 -5.71 10.51
CA ARG A 583 -17.59 -4.59 10.45
C ARG A 583 -18.92 -4.94 11.10
N ASN A 584 -19.37 -6.18 10.92
CA ASN A 584 -20.58 -6.64 11.60
C ASN A 584 -20.39 -6.64 13.11
N MET A 585 -19.22 -7.09 13.56
CA MET A 585 -18.87 -7.00 14.98
C MET A 585 -18.77 -5.57 15.46
N ALA A 586 -18.52 -4.63 14.55
CA ALA A 586 -18.64 -3.23 14.88
C ALA A 586 -20.07 -2.74 14.82
N GLY A 587 -20.98 -3.56 14.28
CA GLY A 587 -22.36 -3.15 14.12
C GLY A 587 -22.58 -2.16 13.00
N VAL A 588 -21.66 -2.07 12.05
CA VAL A 588 -21.75 -1.06 11.00
C VAL A 588 -22.22 -1.64 9.66
N HIS A 589 -22.23 -2.96 9.50
CA HIS A 589 -22.78 -3.57 8.30
C HIS A 589 -23.44 -4.89 8.67
N TYR A 590 -24.48 -5.25 7.94
CA TYR A 590 -25.10 -6.56 8.09
C TYR A 590 -24.29 -7.61 7.33
N PHE A 591 -24.69 -8.87 7.46
CA PHE A 591 -23.94 -9.93 6.80
C PHE A 591 -24.19 -9.95 5.30
N SER A 592 -25.43 -9.75 4.87
CA SER A 592 -25.71 -9.74 3.44
C SER A 592 -24.97 -8.59 2.76
N ASP A 593 -24.84 -7.46 3.45
CA ASP A 593 -23.98 -6.38 2.97
C ASP A 593 -22.58 -6.91 2.70
N GLN A 594 -22.02 -7.65 3.67
CA GLN A 594 -20.66 -8.16 3.54
C GLN A 594 -20.54 -9.09 2.34
N PHE A 595 -21.47 -10.04 2.22
CA PHE A 595 -21.33 -11.05 1.18
C PHE A 595 -21.52 -10.45 -0.21
N GLU A 596 -22.59 -9.67 -0.40
CA GLU A 596 -22.82 -9.09 -1.70
C GLU A 596 -21.75 -8.06 -2.05
N SER A 597 -21.21 -7.38 -1.04
CA SER A 597 -20.07 -6.50 -1.28
C SER A 597 -18.84 -7.27 -1.70
N LEU A 598 -18.61 -8.44 -1.09
CA LEU A 598 -17.49 -9.28 -1.49
C LEU A 598 -17.63 -9.73 -2.94
N LEU A 599 -18.84 -10.11 -3.34
CA LEU A 599 -19.07 -10.48 -4.73
C LEU A 599 -18.86 -9.30 -5.67
N LEU A 600 -19.34 -8.11 -5.28
CA LEU A 600 -19.15 -6.92 -6.12
C LEU A 600 -17.67 -6.59 -6.25
N GLY A 601 -16.91 -6.70 -5.16
CA GLY A 601 -15.47 -6.48 -5.24
C GLY A 601 -14.78 -7.53 -6.08
N GLU A 602 -15.26 -8.77 -6.03
CA GLU A 602 -14.73 -9.82 -6.90
C GLU A 602 -14.93 -9.45 -8.36
N GLN A 603 -16.11 -8.92 -8.69
CA GLN A 603 -16.37 -8.43 -10.04
C GLN A 603 -15.44 -7.28 -10.40
N VAL A 604 -15.22 -6.36 -9.44
CA VAL A 604 -14.32 -5.24 -9.68
C VAL A 604 -12.94 -5.73 -10.04
N ALA A 605 -12.40 -6.65 -9.24
CA ALA A 605 -11.04 -7.13 -9.46
C ALA A 605 -10.96 -7.97 -10.73
N ILE A 606 -12.00 -8.73 -11.04
CA ILE A 606 -12.02 -9.50 -12.29
C ILE A 606 -11.99 -8.55 -13.48
N GLY A 607 -12.78 -7.48 -13.44
CA GLY A 607 -12.74 -6.52 -14.51
C GLY A 607 -11.40 -5.83 -14.65
N ILE A 608 -10.79 -5.47 -13.52
CA ILE A 608 -9.47 -4.84 -13.56
C ILE A 608 -8.44 -5.78 -14.16
N LEU A 609 -8.45 -7.05 -13.74
CA LEU A 609 -7.49 -8.02 -14.27
C LEU A 609 -7.73 -8.25 -15.77
N GLU A 610 -8.99 -8.29 -16.20
CA GLU A 610 -9.28 -8.44 -17.62
C GLU A 610 -8.75 -7.26 -18.40
N GLU A 611 -8.92 -6.03 -17.87
CA GLU A 611 -8.40 -4.86 -18.56
C GLU A 611 -6.89 -4.77 -18.47
N GLN A 612 -6.32 -5.16 -17.33
CA GLN A 612 -4.87 -5.12 -17.18
C GLN A 612 -4.19 -6.16 -18.06
N SER A 613 -4.82 -7.32 -18.26
CA SER A 613 -4.19 -8.39 -19.03
C SER A 613 -3.89 -7.97 -20.46
N LEU A 614 -4.63 -7.00 -20.98
CA LEU A 614 -4.36 -6.53 -22.34
C LEU A 614 -3.06 -5.73 -22.41
N THR A 615 -2.63 -5.15 -21.29
CA THR A 615 -1.40 -4.36 -21.30
C THR A 615 -0.17 -5.24 -21.48
N TYR A 616 -0.12 -6.37 -20.78
CA TYR A 616 1.06 -7.23 -20.80
C TYR A 616 1.01 -8.12 -22.04
N GLY A 617 2.05 -8.01 -22.87
CA GLY A 617 2.14 -8.82 -24.07
C GLY A 617 2.60 -10.24 -23.86
N GLU A 618 2.99 -10.60 -22.63
CA GLU A 618 3.42 -11.95 -22.34
C GLU A 618 2.24 -12.90 -22.36
N ASN A 619 2.51 -14.15 -22.77
CA ASN A 619 1.50 -15.19 -22.79
C ASN A 619 1.29 -15.67 -21.36
N PHE A 620 0.18 -15.24 -20.75
CA PHE A 620 -0.07 -15.53 -19.34
C PHE A 620 -1.55 -15.36 -19.04
N PHE A 621 -1.95 -15.85 -17.88
CA PHE A 621 -3.32 -15.68 -17.40
C PHE A 621 -3.33 -15.94 -15.90
N PHE A 622 -4.27 -15.29 -15.21
CA PHE A 622 -4.42 -15.44 -13.77
C PHE A 622 -5.37 -16.58 -13.47
N ASN A 623 -4.84 -17.65 -12.84
CA ASN A 623 -5.68 -18.75 -12.39
C ASN A 623 -6.38 -18.28 -11.12
N LEU A 624 -7.56 -17.69 -11.28
CA LEU A 624 -8.25 -17.02 -10.19
C LEU A 624 -9.47 -17.81 -9.75
N PRO A 625 -9.47 -18.40 -8.56
CA PRO A 625 -10.68 -19.05 -8.05
C PRO A 625 -11.66 -18.02 -7.49
N LYS A 626 -12.84 -17.94 -8.09
CA LYS A 626 -13.83 -16.97 -7.65
C LYS A 626 -14.42 -17.38 -6.31
N PHE A 627 -15.24 -16.48 -5.74
CA PHE A 627 -15.89 -16.75 -4.47
C PHE A 627 -16.98 -17.79 -4.57
N ASP A 628 -17.39 -18.19 -5.78
CA ASP A 628 -18.36 -19.25 -5.96
C ASP A 628 -17.72 -20.61 -6.20
N GLY A 629 -16.39 -20.70 -6.11
CA GLY A 629 -15.67 -21.95 -6.26
C GLY A 629 -15.12 -22.18 -7.66
N THR A 630 -15.67 -21.51 -8.67
CA THR A 630 -15.17 -21.68 -10.03
C THR A 630 -13.94 -20.81 -10.25
N THR A 631 -13.05 -21.29 -11.13
CA THR A 631 -11.81 -20.62 -11.44
C THR A 631 -11.91 -19.95 -12.81
N ILE A 632 -11.58 -18.67 -12.87
CA ILE A 632 -11.60 -17.91 -14.11
C ILE A 632 -10.16 -17.58 -14.49
N GLN A 633 -9.79 -17.89 -15.72
CA GLN A 633 -8.46 -17.63 -16.23
C GLN A 633 -8.45 -16.27 -16.93
N ILE A 634 -7.64 -15.35 -16.44
CA ILE A 634 -7.61 -13.99 -16.96
C ILE A 634 -6.28 -13.68 -17.61
N GLN B 45 -25.89 11.25 -22.36
CA GLN B 45 -25.63 9.92 -22.92
C GLN B 45 -25.65 8.86 -21.82
N SER B 46 -25.49 7.60 -22.22
CA SER B 46 -25.53 6.51 -21.27
C SER B 46 -24.32 6.55 -20.34
N ARG B 47 -24.48 5.92 -19.17
CA ARG B 47 -23.39 5.93 -18.19
C ARG B 47 -22.23 5.04 -18.65
N ALA B 48 -22.54 3.90 -19.26
CA ALA B 48 -21.48 3.06 -19.82
C ALA B 48 -20.73 3.81 -20.92
N LYS B 49 -21.47 4.49 -21.79
CA LYS B 49 -20.83 5.27 -22.84
C LYS B 49 -20.09 6.47 -22.26
N ALA B 50 -20.62 7.08 -21.20
CA ALA B 50 -19.91 8.18 -20.56
C ALA B 50 -18.59 7.72 -19.96
N SER B 51 -18.59 6.55 -19.31
CA SER B 51 -17.35 6.02 -18.77
C SER B 51 -16.37 5.65 -19.87
N PHE B 52 -16.85 5.04 -20.96
CA PHE B 52 -15.99 4.73 -22.08
C PHE B 52 -15.39 6.01 -22.67
N ASP B 53 -16.19 7.06 -22.78
CA ASP B 53 -15.70 8.32 -23.31
C ASP B 53 -14.68 8.96 -22.37
N THR B 54 -14.88 8.84 -21.06
CA THR B 54 -13.91 9.36 -20.11
C THR B 54 -12.58 8.63 -20.21
N ARG B 55 -12.63 7.30 -20.33
CA ARG B 55 -11.39 6.53 -20.46
C ARG B 55 -10.70 6.83 -21.80
N VAL B 56 -11.48 6.96 -22.88
CA VAL B 56 -10.90 7.33 -24.16
C VAL B 56 -10.35 8.74 -24.13
N ALA B 57 -10.95 9.63 -23.33
CA ALA B 57 -10.44 10.99 -23.19
C ALA B 57 -9.13 11.00 -22.43
N ALA B 58 -9.02 10.17 -21.39
CA ALA B 58 -7.74 10.02 -20.70
C ALA B 58 -6.68 9.46 -21.64
N ALA B 59 -7.05 8.48 -22.46
CA ALA B 59 -6.12 7.94 -23.44
C ALA B 59 -5.70 8.99 -24.45
N GLU B 60 -6.65 9.81 -24.90
CA GLU B 60 -6.34 10.87 -25.86
C GLU B 60 -5.49 11.95 -25.22
N LEU B 61 -5.65 12.18 -23.92
CA LEU B 61 -4.81 13.16 -23.23
C LEU B 61 -3.38 12.63 -23.12
N ALA B 62 -3.24 11.34 -22.81
CA ALA B 62 -1.91 10.72 -22.81
C ALA B 62 -1.29 10.74 -24.20
N LEU B 63 -2.11 10.56 -25.23
CA LEU B 63 -1.60 10.55 -26.60
C LEU B 63 -1.17 11.94 -27.05
N ASN B 64 -1.98 12.97 -26.73
CA ASN B 64 -1.66 14.33 -27.13
C ASN B 64 -0.43 14.86 -26.41
N ARG B 65 -0.09 14.31 -25.24
CA ARG B 65 1.17 14.60 -24.60
C ARG B 65 2.36 14.35 -25.52
N GLY B 66 2.26 13.35 -26.38
CA GLY B 66 3.30 13.06 -27.34
C GLY B 66 4.48 12.32 -26.73
N VAL B 67 5.09 11.46 -27.56
CA VAL B 67 6.25 10.70 -27.16
C VAL B 67 7.44 11.65 -27.12
N VAL B 68 8.08 11.73 -25.97
CA VAL B 68 9.32 12.49 -25.84
C VAL B 68 10.45 11.55 -26.25
N PRO B 69 11.25 11.89 -27.26
CA PRO B 69 12.23 10.93 -27.76
C PRO B 69 13.44 10.78 -26.85
N SER B 70 13.60 9.55 -26.34
CA SER B 70 14.59 9.25 -25.31
C SER B 70 15.86 8.76 -25.99
N PHE B 71 16.91 9.58 -25.92
CA PHE B 71 18.18 9.28 -26.55
C PHE B 71 19.08 8.59 -25.54
N ALA B 72 19.72 7.50 -25.96
CA ALA B 72 20.81 6.96 -25.17
C ALA B 72 22.02 7.88 -25.28
N ASN B 73 23.10 7.49 -24.61
CA ASN B 73 24.29 8.33 -24.60
C ASN B 73 25.41 7.81 -25.49
N GLY B 74 25.32 6.57 -25.98
CA GLY B 74 26.30 6.07 -26.91
C GLY B 74 27.30 5.09 -26.32
N GLU B 75 27.25 4.84 -25.01
CA GLU B 75 28.19 3.90 -24.39
C GLU B 75 28.13 2.52 -25.04
N GLU B 76 26.97 2.13 -25.58
CA GLU B 76 26.81 0.80 -26.16
C GLU B 76 27.84 0.51 -27.23
N LEU B 77 27.87 1.35 -28.28
CA LEU B 77 28.72 1.09 -29.44
C LEU B 77 29.98 1.94 -29.46
N LEU B 78 30.15 2.86 -28.52
CA LEU B 78 31.31 3.76 -28.56
C LEU B 78 32.59 3.03 -28.13
N TYR B 79 32.49 2.17 -27.13
CA TYR B 79 33.66 1.52 -26.57
C TYR B 79 33.86 0.16 -27.23
N ARG B 80 34.93 0.04 -28.01
CA ARG B 80 35.22 -1.18 -28.76
C ARG B 80 36.08 -2.12 -27.92
N ASN B 81 36.33 -3.30 -28.48
CA ASN B 81 37.14 -4.28 -27.79
C ASN B 81 38.62 -3.88 -27.87
N PRO B 82 39.39 -4.05 -26.79
CA PRO B 82 40.81 -3.67 -26.84
C PRO B 82 41.66 -4.58 -27.71
N ASP B 83 41.13 -5.72 -28.15
CA ASP B 83 41.89 -6.62 -29.00
C ASP B 83 42.15 -5.95 -30.35
N PRO B 84 43.40 -5.92 -30.82
CA PRO B 84 43.67 -5.22 -32.10
C PRO B 84 42.92 -5.79 -33.28
N ASP B 85 42.67 -7.11 -33.30
CA ASP B 85 42.00 -7.75 -34.41
C ASP B 85 40.50 -7.90 -34.21
N ASN B 86 39.94 -7.35 -33.14
CA ASN B 86 38.52 -7.46 -32.84
C ASN B 86 37.93 -6.06 -32.74
N THR B 87 37.03 -5.74 -33.65
CA THR B 87 36.36 -4.44 -33.67
C THR B 87 34.99 -4.47 -33.01
N ASP B 88 34.58 -5.62 -32.47
CA ASP B 88 33.27 -5.72 -31.84
C ASP B 88 33.22 -4.86 -30.58
N PRO B 89 32.04 -4.32 -30.24
CA PRO B 89 31.94 -3.46 -29.06
C PRO B 89 32.24 -4.25 -27.78
N SER B 90 32.96 -3.61 -26.87
CA SER B 90 33.27 -4.26 -25.60
C SER B 90 32.08 -4.27 -24.66
N PHE B 91 31.18 -3.29 -24.80
CA PHE B 91 29.99 -3.16 -23.96
C PHE B 91 30.35 -3.09 -22.48
N ILE B 92 31.48 -2.46 -22.16
CA ILE B 92 31.89 -2.35 -20.77
C ILE B 92 30.97 -1.43 -19.99
N ALA B 93 30.51 -0.36 -20.64
CA ALA B 93 29.66 0.62 -19.99
C ALA B 93 28.18 0.36 -20.20
N SER B 94 27.82 -0.71 -20.89
CA SER B 94 26.43 -1.13 -20.98
C SER B 94 26.14 -2.17 -19.91
N PHE B 95 24.85 -2.37 -19.65
CA PHE B 95 24.44 -3.34 -18.64
C PHE B 95 24.66 -4.75 -19.17
N THR B 96 25.82 -5.33 -18.84
CA THR B 96 26.17 -6.68 -19.26
C THR B 96 26.09 -7.68 -18.11
N LYS B 97 25.59 -7.25 -16.96
CA LYS B 97 25.38 -8.15 -15.83
C LYS B 97 24.49 -9.31 -16.26
N GLY B 98 24.80 -10.50 -15.75
CA GLY B 98 24.12 -11.70 -16.20
C GLY B 98 24.89 -12.45 -17.27
N LEU B 99 25.22 -11.79 -18.37
CA LEU B 99 25.99 -12.38 -19.43
C LEU B 99 27.35 -12.84 -18.93
N PRO B 100 27.94 -13.87 -19.55
CA PRO B 100 29.27 -14.33 -19.11
C PRO B 100 30.31 -13.24 -19.28
N HIS B 101 31.29 -13.24 -18.38
CA HIS B 101 32.41 -12.30 -18.42
C HIS B 101 33.74 -13.06 -18.39
N ASP B 102 34.81 -12.33 -18.72
CA ASP B 102 36.16 -12.87 -18.54
C ASP B 102 36.68 -12.37 -17.20
N ASP B 103 37.98 -12.56 -16.94
CA ASP B 103 38.55 -12.16 -15.66
C ASP B 103 38.76 -10.66 -15.54
N ASN B 104 38.20 -9.86 -16.44
CA ASN B 104 38.45 -8.42 -16.45
C ASN B 104 37.17 -7.59 -16.38
N GLY B 105 36.00 -8.19 -16.53
CA GLY B 105 34.76 -7.47 -16.34
C GLY B 105 33.96 -7.17 -17.60
N ALA B 106 34.49 -7.50 -18.77
CA ALA B 106 33.78 -7.32 -20.02
C ALA B 106 33.09 -8.62 -20.40
N ILE B 107 32.23 -8.57 -21.41
CA ILE B 107 31.61 -9.80 -21.91
C ILE B 107 32.56 -10.49 -22.87
N ILE B 108 32.69 -11.81 -22.75
CA ILE B 108 33.57 -12.55 -23.64
C ILE B 108 33.04 -12.55 -25.06
N ASP B 109 31.73 -12.65 -25.22
CA ASP B 109 31.10 -12.63 -26.54
C ASP B 109 30.15 -11.44 -26.62
N PRO B 110 30.51 -10.37 -27.32
CA PRO B 110 29.58 -9.25 -27.47
C PRO B 110 28.27 -9.63 -28.12
N ASP B 111 28.30 -10.60 -29.05
CA ASP B 111 27.07 -11.04 -29.70
C ASP B 111 26.09 -11.69 -28.72
N ASP B 112 26.48 -11.81 -27.45
CA ASP B 112 25.53 -12.24 -26.43
C ASP B 112 24.78 -11.05 -25.85
N PHE B 113 25.37 -9.85 -25.95
CA PHE B 113 24.68 -8.66 -25.45
C PHE B 113 23.66 -8.15 -26.47
N LEU B 114 23.95 -8.28 -27.76
CA LEU B 114 22.95 -7.92 -28.77
C LEU B 114 21.75 -8.86 -28.71
N ALA B 115 21.97 -10.13 -28.35
CA ALA B 115 20.84 -11.02 -28.10
C ALA B 115 20.02 -10.54 -26.92
N PHE B 116 20.69 -10.06 -25.87
CA PHE B 116 19.97 -9.49 -24.71
C PHE B 116 19.19 -8.26 -25.12
N VAL B 117 19.77 -7.42 -25.97
CA VAL B 117 19.09 -6.20 -26.42
C VAL B 117 17.88 -6.55 -27.28
N ARG B 118 18.02 -7.55 -28.15
CA ARG B 118 16.90 -7.99 -28.97
C ARG B 118 15.78 -8.57 -28.10
N ALA B 119 16.15 -9.34 -27.07
CA ALA B 119 15.15 -9.84 -26.13
C ALA B 119 14.46 -8.72 -25.38
N ILE B 120 15.22 -7.68 -25.01
CA ILE B 120 14.63 -6.51 -24.36
C ILE B 120 13.61 -5.85 -25.28
N ASN B 121 14.01 -5.59 -26.52
CA ASN B 121 13.16 -4.82 -27.43
C ASN B 121 11.95 -5.62 -27.87
N SER B 122 12.07 -6.93 -28.01
CA SER B 122 10.96 -7.75 -28.46
C SER B 122 9.98 -8.05 -27.34
N GLY B 123 10.43 -8.69 -26.27
CA GLY B 123 9.56 -9.01 -25.16
C GLY B 123 9.19 -10.47 -25.03
N ASP B 124 9.30 -11.25 -26.11
CA ASP B 124 8.89 -12.64 -26.09
C ASP B 124 9.55 -13.41 -24.95
N GLU B 125 8.73 -14.21 -24.25
CA GLU B 125 9.26 -15.08 -23.21
C GLU B 125 10.25 -16.08 -23.78
N LYS B 126 9.93 -16.65 -24.95
CA LYS B 126 10.80 -17.65 -25.55
C LYS B 126 12.15 -17.05 -25.94
N GLU B 127 12.14 -15.83 -26.48
CA GLU B 127 13.40 -15.19 -26.85
C GLU B 127 14.24 -14.88 -25.62
N ILE B 128 13.63 -14.33 -24.57
CA ILE B 128 14.36 -14.10 -23.32
C ILE B 128 14.94 -15.42 -22.80
N ALA B 129 14.16 -16.50 -22.87
CA ALA B 129 14.55 -17.76 -22.25
C ALA B 129 15.79 -18.39 -22.89
N ASP B 130 16.16 -18.00 -24.11
CA ASP B 130 17.31 -18.64 -24.75
C ASP B 130 18.60 -17.87 -24.58
N LEU B 131 18.55 -16.70 -23.94
CA LEU B 131 19.76 -15.96 -23.61
C LEU B 131 20.71 -16.80 -22.76
N THR B 132 21.98 -16.43 -22.78
CA THR B 132 23.05 -17.20 -22.14
C THR B 132 23.36 -16.68 -20.74
N LEU B 133 22.32 -16.21 -20.05
CA LEU B 133 22.45 -15.73 -18.69
C LEU B 133 23.26 -16.70 -17.83
N GLY B 134 24.18 -16.16 -17.05
CA GLY B 134 25.06 -16.97 -16.24
C GLY B 134 26.26 -17.47 -17.01
N PRO B 135 27.21 -18.08 -16.31
CA PRO B 135 28.42 -18.57 -16.96
C PRO B 135 28.23 -19.96 -17.55
N ALA B 136 29.31 -20.55 -18.06
CA ALA B 136 29.23 -21.92 -18.56
C ALA B 136 28.92 -22.87 -17.41
N ARG B 137 27.91 -23.70 -17.61
CA ARG B 137 27.42 -24.60 -16.57
C ARG B 137 28.25 -25.87 -16.52
N ASP B 138 27.88 -26.76 -15.60
CA ASP B 138 28.61 -28.00 -15.44
C ASP B 138 27.83 -29.13 -16.12
N PRO B 139 28.45 -29.91 -17.01
CA PRO B 139 27.67 -30.85 -17.83
C PRO B 139 26.92 -31.90 -17.05
N GLU B 140 27.36 -32.28 -15.85
CA GLU B 140 26.69 -33.34 -15.10
C GLU B 140 25.69 -32.82 -14.09
N THR B 141 26.07 -31.85 -13.24
CA THR B 141 25.15 -31.36 -12.23
C THR B 141 24.22 -30.28 -12.77
N GLY B 142 24.68 -29.50 -13.75
CA GLY B 142 23.90 -28.40 -14.28
C GLY B 142 24.19 -27.06 -13.64
N LEU B 143 24.50 -27.03 -12.35
CA LEU B 143 24.82 -25.81 -11.62
C LEU B 143 25.97 -25.07 -12.29
N PRO B 144 25.82 -23.76 -12.48
CA PRO B 144 26.86 -23.00 -13.20
C PRO B 144 28.21 -23.06 -12.51
N ILE B 145 29.27 -22.97 -13.30
CA ILE B 145 30.64 -22.95 -12.80
C ILE B 145 30.99 -21.52 -12.44
N TRP B 146 31.33 -21.29 -11.16
CA TRP B 146 31.60 -19.97 -10.64
C TRP B 146 33.10 -19.76 -10.50
N ARG B 147 33.49 -18.49 -10.35
CA ARG B 147 34.91 -18.18 -10.21
C ARG B 147 35.33 -18.18 -8.75
N SER B 148 34.44 -17.75 -7.86
CA SER B 148 34.78 -17.59 -6.46
C SER B 148 34.43 -18.82 -5.65
N ASP B 149 35.30 -19.16 -4.70
CA ASP B 149 35.02 -20.26 -3.79
C ASP B 149 33.71 -20.08 -3.04
N LEU B 150 33.34 -18.83 -2.76
CA LEU B 150 32.09 -18.57 -2.05
C LEU B 150 30.88 -19.00 -2.88
N ALA B 151 30.81 -18.54 -4.13
CA ALA B 151 29.66 -18.86 -4.98
C ALA B 151 29.61 -20.34 -5.32
N ASN B 152 30.77 -20.99 -5.37
CA ASN B 152 30.80 -22.42 -5.69
C ASN B 152 30.43 -23.26 -4.48
N SER B 153 30.91 -22.89 -3.30
CA SER B 153 30.51 -23.58 -2.07
C SER B 153 29.03 -23.42 -1.82
N LEU B 154 28.51 -22.21 -2.05
CA LEU B 154 27.07 -21.98 -1.96
C LEU B 154 26.29 -22.76 -3.02
N GLU B 155 26.95 -23.18 -4.10
CA GLU B 155 26.31 -23.91 -5.19
C GLU B 155 25.16 -23.08 -5.78
N LEU B 156 25.47 -21.82 -6.09
CA LEU B 156 24.47 -20.87 -6.53
C LEU B 156 23.93 -21.19 -7.91
N GLU B 157 22.71 -20.73 -8.15
CA GLU B 157 22.10 -20.73 -9.48
C GLU B 157 22.08 -19.32 -10.04
N VAL B 158 21.93 -19.23 -11.34
CA VAL B 158 21.84 -17.93 -12.01
C VAL B 158 20.55 -17.23 -11.60
N ARG B 159 20.60 -15.90 -11.61
CA ARG B 159 19.43 -15.05 -11.38
C ARG B 159 19.12 -14.27 -12.65
N GLY B 160 17.83 -14.12 -12.94
CA GLY B 160 17.41 -13.51 -14.18
C GLY B 160 17.22 -12.01 -14.08
N TRP B 161 17.13 -11.38 -15.24
CA TRP B 161 16.91 -9.94 -15.29
C TRP B 161 15.52 -9.60 -14.76
N GLU B 162 15.43 -8.49 -14.03
CA GLU B 162 14.20 -8.11 -13.36
C GLU B 162 13.31 -7.38 -14.36
N ASN B 163 12.46 -8.16 -15.03
CA ASN B 163 11.47 -7.65 -15.98
C ASN B 163 12.13 -6.78 -17.06
N SER B 164 12.96 -7.44 -17.88
CA SER B 164 13.60 -6.74 -18.99
C SER B 164 12.60 -6.34 -20.06
N SER B 165 11.44 -6.97 -20.08
CA SER B 165 10.39 -6.66 -21.06
C SER B 165 9.29 -5.78 -20.49
N ALA B 166 9.42 -5.35 -19.23
CA ALA B 166 8.39 -4.51 -18.62
C ALA B 166 8.25 -3.16 -19.30
N GLY B 167 9.31 -2.67 -19.94
CA GLY B 167 9.21 -1.40 -20.65
C GLY B 167 8.17 -1.42 -21.75
N LEU B 168 8.16 -2.48 -22.55
CA LEU B 168 7.17 -2.61 -23.61
C LEU B 168 5.75 -2.73 -23.09
N THR B 169 5.58 -3.19 -21.85
CA THR B 169 4.25 -3.33 -21.27
C THR B 169 3.52 -1.99 -21.26
N PHE B 170 2.27 -2.00 -21.73
CA PHE B 170 1.47 -0.79 -21.75
C PHE B 170 0.86 -0.53 -20.38
N ASP B 171 0.06 0.53 -20.31
CA ASP B 171 -0.66 0.88 -19.09
C ASP B 171 -2.05 1.35 -19.44
N LEU B 172 -2.91 1.38 -18.44
CA LEU B 172 -4.24 1.97 -18.58
C LEU B 172 -4.35 3.32 -17.90
N GLU B 173 -3.22 3.96 -17.60
CA GLU B 173 -3.21 5.21 -16.86
C GLU B 173 -1.87 5.90 -17.03
N GLY B 174 -1.90 7.23 -17.02
CA GLY B 174 -0.69 8.01 -17.05
C GLY B 174 0.02 7.92 -18.39
N PRO B 175 1.21 8.50 -18.46
CA PRO B 175 2.01 8.39 -19.68
C PRO B 175 2.46 6.96 -19.91
N ASP B 176 2.57 6.59 -21.18
CA ASP B 176 3.09 5.29 -21.52
C ASP B 176 4.53 5.15 -21.05
N ALA B 177 4.99 3.90 -20.92
CA ALA B 177 6.36 3.66 -20.49
C ALA B 177 7.36 4.22 -21.50
N GLN B 178 6.91 4.49 -22.73
CA GLN B 178 7.76 5.02 -23.77
C GLN B 178 7.31 6.40 -24.26
N SER B 179 6.26 6.97 -23.67
CA SER B 179 5.78 8.28 -24.06
C SER B 179 6.51 9.41 -23.34
N ILE B 180 7.43 9.10 -22.44
CA ILE B 180 8.23 10.09 -21.73
C ILE B 180 9.68 9.67 -21.77
N ALA B 181 10.58 10.64 -21.66
CA ALA B 181 11.99 10.43 -21.91
C ALA B 181 12.81 10.84 -20.69
N MET B 182 14.04 10.33 -20.67
CA MET B 182 15.07 10.78 -19.76
C MET B 182 16.32 11.15 -20.56
N PRO B 183 17.12 12.09 -20.07
CA PRO B 183 18.28 12.54 -20.83
C PRO B 183 19.34 11.45 -20.93
N PRO B 184 20.26 11.56 -21.88
CA PRO B 184 21.32 10.54 -21.98
C PRO B 184 22.15 10.50 -20.72
N ALA B 185 22.49 9.28 -20.29
CA ALA B 185 23.30 9.10 -19.10
C ALA B 185 24.70 9.65 -19.33
N PRO B 186 25.36 10.13 -18.28
CA PRO B 186 26.77 10.55 -18.43
C PRO B 186 27.64 9.41 -18.94
N VAL B 187 28.56 9.75 -19.84
CA VAL B 187 29.48 8.76 -20.37
C VAL B 187 30.59 8.50 -19.35
N LEU B 188 31.24 7.35 -19.49
CA LEU B 188 32.37 7.01 -18.62
C LEU B 188 33.42 8.12 -18.65
N THR B 189 33.79 8.56 -19.85
CA THR B 189 34.76 9.64 -20.04
C THR B 189 34.30 10.97 -19.45
N SER B 190 33.01 11.15 -19.20
CA SER B 190 32.52 12.43 -18.70
C SER B 190 32.99 12.69 -17.27
N PRO B 191 33.24 13.95 -16.92
CA PRO B 191 33.54 14.29 -15.53
C PRO B 191 32.39 14.04 -14.57
N GLU B 192 31.16 13.95 -15.06
CA GLU B 192 30.02 13.61 -14.21
C GLU B 192 30.14 12.20 -13.66
N LEU B 193 30.35 11.22 -14.54
CA LEU B 193 30.49 9.83 -14.10
C LEU B 193 31.61 9.70 -13.06
N VAL B 194 32.70 10.43 -13.25
CA VAL B 194 33.76 10.45 -12.24
C VAL B 194 33.20 10.91 -10.90
N ALA B 195 32.40 11.98 -10.90
CA ALA B 195 31.82 12.48 -9.67
C ALA B 195 30.85 11.48 -9.05
N GLU B 196 30.00 10.86 -9.88
CA GLU B 196 29.03 9.91 -9.35
C GLU B 196 29.72 8.71 -8.73
N ILE B 197 30.73 8.16 -9.41
CA ILE B 197 31.42 6.99 -8.87
C ILE B 197 32.24 7.37 -7.64
N ALA B 198 32.84 8.57 -7.63
CA ALA B 198 33.56 9.02 -6.44
C ALA B 198 32.62 9.16 -5.25
N GLU B 199 31.45 9.76 -5.48
CA GLU B 199 30.49 9.93 -4.40
C GLU B 199 29.94 8.60 -3.91
N LEU B 200 29.72 7.65 -4.81
CA LEU B 200 29.27 6.33 -4.39
C LEU B 200 30.35 5.59 -3.62
N TYR B 201 31.61 5.70 -4.05
CA TYR B 201 32.71 5.14 -3.27
C TYR B 201 32.76 5.75 -1.88
N LEU B 202 32.57 7.06 -1.79
CA LEU B 202 32.66 7.77 -0.50
C LEU B 202 31.49 7.31 0.37
N MET B 203 30.32 7.13 -0.20
CA MET B 203 29.18 6.57 0.54
C MET B 203 29.49 5.16 1.03
N ALA B 204 30.22 4.38 0.23
CA ALA B 204 30.52 3.01 0.61
C ALA B 204 31.52 2.96 1.76
N LEU B 205 32.53 3.83 1.73
CA LEU B 205 33.46 3.90 2.86
C LEU B 205 32.77 4.40 4.12
N GLY B 206 31.78 5.28 3.97
CA GLY B 206 31.09 5.82 5.12
C GLY B 206 29.73 5.21 5.38
N ARG B 207 29.58 3.92 5.11
CA ARG B 207 28.32 3.26 5.41
C ARG B 207 28.13 3.04 6.91
N GLU B 208 29.21 3.06 7.68
CA GLU B 208 29.11 3.03 9.13
C GLU B 208 28.94 4.43 9.71
N ILE B 209 28.89 5.46 8.87
CA ILE B 209 28.78 6.84 9.33
C ILE B 209 27.32 7.15 9.60
N GLU B 210 27.06 7.87 10.68
CA GLU B 210 25.69 8.12 11.10
C GLU B 210 25.19 9.47 10.58
N PHE B 211 23.93 9.48 10.14
CA PHE B 211 23.35 10.70 9.59
C PHE B 211 23.33 11.82 10.61
N SER B 212 22.91 11.53 11.84
CA SER B 212 22.91 12.51 12.91
C SER B 212 24.31 13.03 13.22
N GLU B 213 25.35 12.27 12.90
CA GLU B 213 26.72 12.64 13.20
C GLU B 213 27.52 12.99 11.95
N PHE B 214 26.85 13.51 10.92
CA PHE B 214 27.56 14.03 9.76
C PHE B 214 28.45 15.21 10.16
N ASP B 215 27.94 16.09 11.02
CA ASP B 215 28.67 17.27 11.46
C ASP B 215 29.22 17.07 12.88
N SER B 216 29.56 15.83 13.19
CA SER B 216 30.09 15.49 14.49
C SER B 216 31.59 15.24 14.39
N PRO B 217 32.34 15.50 15.46
CA PRO B 217 33.80 15.28 15.41
C PRO B 217 34.19 13.82 15.27
N LYS B 218 33.30 12.88 15.59
CA LYS B 218 33.67 11.47 15.54
C LYS B 218 33.82 11.00 14.10
N ASN B 219 33.03 11.56 13.18
CA ASN B 219 33.19 11.28 11.75
C ASN B 219 33.69 12.50 10.98
N ALA B 220 34.10 13.57 11.66
CA ALA B 220 34.53 14.78 10.97
C ALA B 220 35.73 14.51 10.08
N GLU B 221 36.57 13.53 10.43
CA GLU B 221 37.73 13.22 9.60
C GLU B 221 37.31 12.68 8.25
N TYR B 222 36.58 11.58 8.23
CA TYR B 222 36.10 11.02 6.97
C TYR B 222 35.14 11.98 6.26
N ILE B 223 34.30 12.68 7.01
CA ILE B 223 33.34 13.58 6.38
C ILE B 223 34.06 14.70 5.65
N GLN B 224 35.08 15.28 6.29
CA GLN B 224 35.87 16.31 5.63
C GLN B 224 36.67 15.73 4.48
N PHE B 225 37.16 14.50 4.61
CA PHE B 225 37.83 13.84 3.49
C PHE B 225 36.91 13.74 2.29
N ALA B 226 35.66 13.31 2.52
CA ALA B 226 34.68 13.16 1.45
C ALA B 226 34.35 14.51 0.83
N ILE B 227 34.18 15.53 1.67
CA ILE B 227 33.88 16.86 1.15
C ILE B 227 35.03 17.38 0.29
N ASP B 228 36.27 17.21 0.76
CA ASP B 228 37.41 17.72 0.01
C ASP B 228 37.62 16.93 -1.28
N GLN B 229 37.32 15.63 -1.26
CA GLN B 229 37.46 14.83 -2.48
C GLN B 229 36.40 15.18 -3.50
N LEU B 230 35.15 15.36 -3.06
CA LEU B 230 34.08 15.74 -3.98
C LEU B 230 34.31 17.13 -4.54
N ASN B 231 34.74 18.07 -3.69
CA ASN B 231 35.00 19.44 -4.17
C ASN B 231 36.16 19.49 -5.15
N GLY B 232 37.07 18.51 -5.09
CA GLY B 232 38.15 18.44 -6.04
C GLY B 232 37.76 18.02 -7.43
N LEU B 233 36.70 17.24 -7.57
CA LEU B 233 36.22 16.78 -8.88
C LEU B 233 35.73 17.96 -9.70
N GLU B 234 35.97 17.89 -11.01
CA GLU B 234 35.55 18.97 -11.91
C GLU B 234 34.04 19.14 -11.95
N TRP B 235 33.29 18.07 -11.70
CA TRP B 235 31.84 18.16 -11.76
C TRP B 235 31.28 19.11 -10.70
N PHE B 236 31.83 19.07 -9.49
CA PHE B 236 31.29 19.86 -8.39
C PHE B 236 31.80 21.31 -8.40
N ASN B 237 33.13 21.49 -8.32
CA ASN B 237 33.67 22.84 -8.20
C ASN B 237 33.40 23.67 -9.45
N THR B 238 33.66 23.11 -10.63
CA THR B 238 33.44 23.84 -11.87
C THR B 238 31.95 23.90 -12.17
N PRO B 239 31.38 25.08 -12.40
CA PRO B 239 29.94 25.16 -12.64
C PRO B 239 29.59 24.83 -14.08
N ALA B 240 28.29 24.63 -14.31
CA ALA B 240 27.82 24.27 -15.63
C ALA B 240 28.05 25.41 -16.61
N LYS B 241 28.61 25.08 -17.76
CA LYS B 241 28.90 26.04 -18.81
C LYS B 241 27.73 26.14 -19.78
N LEU B 242 27.61 27.30 -20.42
CA LEU B 242 26.63 27.49 -21.48
C LEU B 242 26.89 26.50 -22.60
N GLY B 243 25.81 26.05 -23.24
CA GLY B 243 25.91 24.98 -24.21
C GLY B 243 25.63 23.60 -23.66
N ASP B 244 26.17 23.27 -22.49
CA ASP B 244 25.89 22.02 -21.80
C ASP B 244 24.39 21.71 -21.83
N PRO B 245 24.03 20.44 -21.99
CA PRO B 245 22.62 20.06 -22.08
C PRO B 245 21.83 20.55 -20.88
N PRO B 246 20.58 20.96 -21.08
CA PRO B 246 19.81 21.52 -19.97
C PRO B 246 19.63 20.56 -18.81
N ALA B 247 19.48 19.26 -19.08
CA ALA B 247 19.29 18.30 -18.00
C ALA B 247 20.56 18.14 -17.17
N GLU B 248 21.73 18.08 -17.81
CA GLU B 248 22.97 17.99 -17.06
C GLU B 248 23.26 19.29 -16.32
N ILE B 249 22.88 20.43 -16.90
CA ILE B 249 22.98 21.70 -16.18
C ILE B 249 22.12 21.67 -14.93
N ARG B 250 20.89 21.17 -15.05
CA ARG B 250 19.99 21.11 -13.91
C ARG B 250 20.50 20.16 -12.83
N ARG B 251 21.00 19.00 -13.23
CA ARG B 251 21.42 17.97 -12.28
C ARG B 251 22.84 18.17 -11.76
N ARG B 252 23.56 19.18 -12.24
CA ARG B 252 24.89 19.46 -11.73
C ARG B 252 24.79 19.97 -10.29
N ARG B 253 25.69 19.50 -9.44
CA ARG B 253 25.76 19.92 -8.05
C ARG B 253 26.92 20.90 -7.85
N GLY B 254 26.75 21.80 -6.90
CA GLY B 254 27.74 22.81 -6.59
C GLY B 254 28.73 22.35 -5.54
N GLU B 255 29.26 23.31 -4.80
CA GLU B 255 30.23 23.00 -3.76
C GLU B 255 29.61 22.10 -2.70
N VAL B 256 30.32 21.04 -2.35
CA VAL B 256 29.83 20.07 -1.37
C VAL B 256 30.25 20.51 0.03
N THR B 257 29.27 20.58 0.93
CA THR B 257 29.48 20.90 2.33
C THR B 257 28.79 19.83 3.17
N VAL B 258 28.94 19.93 4.49
CA VAL B 258 28.31 18.98 5.40
C VAL B 258 26.80 18.98 5.20
N GLY B 259 26.20 20.17 5.11
CA GLY B 259 24.76 20.30 4.98
C GLY B 259 24.16 19.75 3.69
N ASN B 260 24.98 19.56 2.66
CA ASN B 260 24.49 19.00 1.41
C ASN B 260 25.24 17.73 0.99
N LEU B 261 26.19 17.26 1.80
CA LEU B 261 26.93 16.05 1.47
C LEU B 261 25.99 14.86 1.39
N PHE B 262 26.10 14.09 0.30
CA PHE B 262 25.26 12.92 0.05
C PHE B 262 23.77 13.27 0.06
N ARG B 263 23.41 14.50 -0.30
CA ARG B 263 22.02 14.91 -0.37
C ARG B 263 21.63 15.15 -1.83
N GLY B 264 20.34 15.03 -2.10
CA GLY B 264 19.83 15.34 -3.43
C GLY B 264 19.61 16.83 -3.60
N ILE B 265 19.30 17.21 -4.84
CA ILE B 265 19.09 18.61 -5.19
C ILE B 265 17.61 18.93 -5.31
N LEU B 266 16.74 18.15 -4.68
CA LEU B 266 15.32 18.43 -4.69
C LEU B 266 15.02 19.61 -3.75
N PRO B 267 14.01 20.42 -4.08
CA PRO B 267 13.62 21.52 -3.19
C PRO B 267 13.25 20.99 -1.81
N GLY B 268 13.76 21.65 -0.77
CA GLY B 268 13.53 21.23 0.59
C GLY B 268 14.34 20.03 1.03
N SER B 269 14.85 19.23 0.11
CA SER B 269 15.70 18.10 0.46
C SER B 269 17.02 18.52 1.07
N GLU B 270 17.58 19.63 0.64
CA GLU B 270 18.88 20.09 1.12
C GLU B 270 18.82 20.68 2.53
N VAL B 271 17.73 21.33 2.89
CA VAL B 271 17.60 22.01 4.17
C VAL B 271 17.11 21.03 5.22
N GLY B 272 17.36 21.34 6.49
CA GLY B 272 16.92 20.50 7.59
C GLY B 272 17.82 19.31 7.82
N PRO B 273 17.42 18.45 8.75
CA PRO B 273 18.18 17.21 8.98
C PRO B 273 18.24 16.36 7.72
N TYR B 274 19.12 15.36 7.75
CA TYR B 274 19.33 14.52 6.53
C TYR B 274 18.10 13.69 6.32
N LEU B 275 17.72 13.00 7.37
CA LEU B 275 16.61 12.07 7.25
C LEU B 275 15.29 12.83 7.21
N SER B 276 14.35 12.30 6.44
CA SER B 276 13.02 12.89 6.39
C SER B 276 12.20 12.35 7.54
N GLN B 277 11.36 13.22 8.11
CA GLN B 277 10.48 12.78 9.20
C GLN B 277 9.67 11.57 8.76
N TYR B 278 9.27 11.53 7.51
CA TYR B 278 8.39 10.45 7.07
C TYR B 278 9.15 9.16 6.76
N ILE B 279 10.34 9.06 7.33
CA ILE B 279 11.12 7.84 7.32
C ILE B 279 11.58 7.42 8.71
N ILE B 280 11.50 8.31 9.70
CA ILE B 280 11.97 8.01 11.05
C ILE B 280 10.84 8.10 12.07
N VAL B 281 10.00 9.15 11.99
CA VAL B 281 9.00 9.36 13.02
C VAL B 281 7.77 8.53 12.72
N GLY B 282 6.95 8.30 13.74
CA GLY B 282 5.70 7.61 13.58
C GLY B 282 4.60 8.56 13.17
N SER B 283 3.43 8.43 13.79
CA SER B 283 2.30 9.29 13.46
C SER B 283 1.35 9.32 14.66
N LYS B 284 0.56 10.39 14.72
CA LYS B 284 -0.44 10.54 15.78
C LYS B 284 -1.26 9.26 15.89
N GLN B 285 -1.18 8.60 17.03
CA GLN B 285 -1.63 7.22 17.14
C GLN B 285 -3.15 7.17 17.28
N ILE B 286 -3.67 5.94 17.19
CA ILE B 286 -5.09 5.69 17.38
C ILE B 286 -5.50 6.12 18.78
N GLY B 287 -6.60 6.86 18.88
CA GLY B 287 -7.06 7.39 20.14
C GLY B 287 -6.64 8.82 20.40
N SER B 288 -5.71 9.36 19.64
CA SER B 288 -5.25 10.74 19.81
C SER B 288 -6.13 11.75 19.10
N ALA B 289 -7.17 11.31 18.40
CA ALA B 289 -8.03 12.24 17.67
C ALA B 289 -8.85 13.08 18.64
N THR B 290 -9.01 14.36 18.30
CA THR B 290 -9.79 15.29 19.09
C THR B 290 -11.25 15.24 18.67
N VAL B 291 -12.14 15.18 19.66
CA VAL B 291 -13.57 15.09 19.43
C VAL B 291 -14.21 16.35 20.01
N GLY B 292 -14.86 17.13 19.15
CA GLY B 292 -15.46 18.37 19.61
C GLY B 292 -14.43 19.29 20.23
N ASN B 293 -14.73 19.78 21.44
CA ASN B 293 -13.80 20.63 22.16
C ASN B 293 -12.81 19.86 23.02
N LYS B 294 -12.99 18.55 23.18
CA LYS B 294 -12.12 17.74 24.01
C LYS B 294 -11.14 16.97 23.14
N THR B 295 -9.85 17.16 23.39
CA THR B 295 -8.80 16.44 22.69
C THR B 295 -8.35 15.25 23.53
N LEU B 296 -8.28 14.09 22.90
CA LEU B 296 -7.88 12.87 23.59
C LEU B 296 -6.41 12.59 23.31
N VAL B 297 -5.69 12.18 24.34
CA VAL B 297 -4.29 11.74 24.21
C VAL B 297 -4.29 10.22 24.30
N SER B 298 -3.79 9.57 23.26
CA SER B 298 -3.78 8.12 23.22
C SER B 298 -2.92 7.55 24.33
N PRO B 299 -3.32 6.43 24.93
CA PRO B 299 -2.47 5.78 25.94
C PRO B 299 -1.10 5.39 25.39
N ASN B 300 -0.99 5.14 24.10
CA ASN B 300 0.28 4.87 23.45
C ASN B 300 0.71 5.99 22.52
N ALA B 301 0.49 7.24 22.93
CA ALA B 301 0.94 8.38 22.13
C ALA B 301 2.45 8.47 22.07
N ALA B 302 3.15 7.84 23.01
CA ALA B 302 4.61 7.85 22.99
C ALA B 302 5.19 7.09 21.80
N ASP B 303 4.33 6.46 20.99
CA ASP B 303 4.81 5.74 19.81
C ASP B 303 4.96 6.66 18.61
N GLU B 304 4.30 7.81 18.60
CA GLU B 304 4.47 8.74 17.48
C GLU B 304 5.85 9.38 17.49
N PHE B 305 6.44 9.56 18.67
CA PHE B 305 7.83 10.01 18.79
C PHE B 305 8.80 8.85 18.92
N ASP B 306 8.30 7.63 19.08
CA ASP B 306 9.15 6.44 19.09
C ASP B 306 9.61 6.05 17.69
N GLY B 307 8.84 6.36 16.67
CA GLY B 307 9.12 5.87 15.33
C GLY B 307 8.21 4.72 14.96
N GLU B 308 6.91 4.88 15.23
CA GLU B 308 5.94 3.80 15.06
C GLU B 308 4.69 4.38 14.42
N ILE B 309 4.58 4.23 13.10
CA ILE B 309 3.45 4.78 12.35
C ILE B 309 2.15 4.14 12.81
N ALA B 310 1.06 4.86 12.62
CA ALA B 310 -0.29 4.33 12.88
C ALA B 310 -0.84 3.80 11.58
N TYR B 311 -0.51 2.55 11.28
CA TYR B 311 -1.01 1.85 10.10
C TYR B 311 -2.47 1.49 10.31
N GLY B 312 -3.30 2.52 10.40
CA GLY B 312 -4.67 2.30 10.87
C GLY B 312 -4.65 1.73 12.27
N SER B 313 -5.39 0.64 12.46
CA SER B 313 -5.49 -0.01 13.75
C SER B 313 -4.21 -0.67 14.22
N ILE B 314 -3.29 -0.96 13.30
CA ILE B 314 -2.02 -1.59 13.65
C ILE B 314 -0.91 -0.56 13.47
N THR B 315 0.32 -0.96 13.78
CA THR B 315 1.44 -0.04 13.80
C THR B 315 2.54 -0.51 12.86
N ILE B 316 3.03 0.40 12.02
CA ILE B 316 4.22 0.15 11.21
C ILE B 316 5.42 0.64 12.01
N SER B 317 6.39 -0.25 12.22
CA SER B 317 7.59 0.11 12.95
C SER B 317 8.59 0.73 11.98
N GLN B 318 8.88 2.02 12.16
CA GLN B 318 9.85 2.69 11.30
C GLN B 318 11.26 2.18 11.49
N ARG B 319 11.52 1.43 12.55
CA ARG B 319 12.85 0.84 12.76
C ARG B 319 13.16 -0.13 11.63
N VAL B 320 14.43 -0.27 11.32
CA VAL B 320 14.87 -1.07 10.17
C VAL B 320 15.79 -2.17 10.67
N ARG B 321 15.76 -3.30 9.96
CA ARG B 321 16.63 -4.42 10.29
C ARG B 321 18.09 -3.99 10.23
N ILE B 322 18.80 -4.16 11.34
CA ILE B 322 20.19 -3.74 11.46
C ILE B 322 21.02 -4.67 10.60
N ALA B 323 21.57 -4.16 9.51
CA ALA B 323 22.53 -4.92 8.74
C ALA B 323 23.85 -4.97 9.48
N THR B 324 24.64 -6.01 9.21
CA THR B 324 25.91 -6.17 9.90
C THR B 324 26.83 -5.00 9.57
N PRO B 325 27.27 -4.23 10.56
CA PRO B 325 28.09 -3.05 10.26
C PRO B 325 29.47 -3.46 9.75
N GLY B 326 30.00 -2.65 8.84
CA GLY B 326 31.30 -2.92 8.25
C GLY B 326 31.31 -3.98 7.17
N ARG B 327 30.39 -4.94 7.22
CA ARG B 327 30.37 -6.04 6.25
C ARG B 327 29.83 -5.50 4.94
N ASP B 328 30.72 -5.35 3.96
CA ASP B 328 30.33 -5.02 2.60
C ASP B 328 30.41 -6.26 1.72
N PHE B 329 29.85 -6.15 0.52
CA PHE B 329 29.77 -7.29 -0.39
C PHE B 329 30.33 -6.89 -1.75
N MET B 330 30.66 -7.91 -2.53
CA MET B 330 31.26 -7.74 -3.86
C MET B 330 32.52 -6.89 -3.82
N THR B 331 33.35 -7.11 -2.80
CA THR B 331 34.65 -6.46 -2.71
C THR B 331 35.76 -7.30 -3.31
N ASP B 332 35.54 -8.60 -3.51
CA ASP B 332 36.49 -9.46 -4.17
C ASP B 332 36.20 -9.50 -5.66
N LEU B 333 37.25 -9.47 -6.48
CA LEU B 333 37.07 -9.43 -7.92
C LEU B 333 36.39 -10.70 -8.41
N LYS B 334 36.72 -11.84 -7.81
CA LYS B 334 36.10 -13.10 -8.21
C LYS B 334 34.62 -13.13 -7.86
N VAL B 335 34.27 -12.70 -6.64
CA VAL B 335 32.86 -12.66 -6.24
C VAL B 335 32.11 -11.63 -7.09
N PHE B 336 32.73 -10.49 -7.36
CA PHE B 336 32.08 -9.49 -8.20
C PHE B 336 31.83 -10.02 -9.60
N LEU B 337 32.80 -10.75 -10.16
CA LEU B 337 32.61 -11.35 -11.48
C LEU B 337 31.51 -12.39 -11.46
N ASP B 338 31.42 -13.18 -10.38
CA ASP B 338 30.33 -14.13 -10.26
C ASP B 338 28.98 -13.43 -10.22
N VAL B 339 28.89 -12.32 -9.49
CA VAL B 339 27.63 -11.57 -9.47
C VAL B 339 27.32 -11.01 -10.86
N GLN B 340 28.32 -10.45 -11.54
CA GLN B 340 28.14 -10.05 -12.93
C GLN B 340 27.72 -11.22 -13.79
N ASP B 341 28.22 -12.42 -13.47
CA ASP B 341 27.81 -13.65 -14.13
C ASP B 341 26.48 -14.19 -13.59
N ALA B 342 25.69 -13.33 -12.94
CA ALA B 342 24.38 -13.69 -12.41
C ALA B 342 24.48 -14.73 -11.30
N ALA B 343 25.20 -14.40 -10.23
CA ALA B 343 25.19 -15.24 -9.04
C ALA B 343 24.04 -14.81 -8.13
N ASP B 344 23.15 -15.75 -7.81
CA ASP B 344 21.99 -15.45 -6.97
C ASP B 344 22.42 -15.37 -5.52
N PHE B 345 23.08 -14.25 -5.19
CA PHE B 345 23.48 -13.97 -3.82
C PHE B 345 22.36 -13.30 -3.02
N ARG B 346 21.13 -13.34 -3.52
CA ARG B 346 20.02 -12.68 -2.84
C ARG B 346 19.78 -13.30 -1.47
N GLY B 347 19.61 -12.45 -0.47
CA GLY B 347 19.38 -12.91 0.89
C GLY B 347 20.61 -13.33 1.65
N PHE B 348 21.79 -13.30 1.02
CA PHE B 348 23.02 -13.71 1.67
C PHE B 348 23.51 -12.72 2.72
N GLU B 349 22.90 -11.54 2.81
CA GLU B 349 23.31 -10.55 3.79
C GLU B 349 23.12 -11.08 5.20
N SER B 350 23.99 -10.66 6.10
CA SER B 350 23.87 -10.98 7.52
C SER B 350 23.32 -9.78 8.26
N TYR B 351 22.45 -10.05 9.23
CA TYR B 351 21.74 -8.99 9.95
C TYR B 351 21.92 -9.19 11.45
N GLU B 352 21.92 -8.07 12.17
CA GLU B 352 22.02 -8.14 13.62
C GLU B 352 20.64 -8.32 14.24
N PRO B 353 20.56 -8.95 15.42
CA PRO B 353 19.26 -9.14 16.07
C PRO B 353 18.56 -7.82 16.34
N GLY B 354 17.24 -7.84 16.23
CA GLY B 354 16.44 -6.66 16.48
C GLY B 354 16.42 -5.70 15.31
N ALA B 355 15.93 -4.50 15.58
CA ALA B 355 15.81 -3.46 14.58
C ALA B 355 16.00 -2.11 15.25
N ARG B 356 16.38 -1.12 14.44
CA ARG B 356 16.60 0.23 14.93
C ARG B 356 16.18 1.22 13.86
N LEU B 357 15.93 2.45 14.29
CA LEU B 357 15.65 3.52 13.34
C LEU B 357 16.84 3.73 12.42
N ILE B 358 16.60 4.42 11.31
CA ILE B 358 17.68 4.70 10.36
C ILE B 358 18.68 5.58 11.07
N ARG B 359 19.85 5.05 11.34
CA ARG B 359 20.85 5.85 12.03
C ARG B 359 22.18 5.90 11.30
N THR B 360 22.56 4.83 10.62
CA THR B 360 23.77 4.81 9.81
C THR B 360 23.41 4.84 8.34
N ILE B 361 24.41 5.21 7.53
CA ILE B 361 24.24 5.16 6.07
C ILE B 361 23.92 3.75 5.62
N ARG B 362 24.56 2.75 6.22
CA ARG B 362 24.21 1.36 5.92
C ARG B 362 22.75 1.07 6.26
N ASP B 363 22.21 1.72 7.30
CA ASP B 363 20.82 1.48 7.66
C ASP B 363 19.87 2.05 6.61
N LEU B 364 20.23 3.17 5.99
CA LEU B 364 19.41 3.69 4.89
C LEU B 364 19.57 2.84 3.64
N ALA B 365 20.78 2.32 3.40
CA ALA B 365 20.96 1.41 2.27
C ALA B 365 20.15 0.13 2.45
N THR B 366 20.03 -0.35 3.68
CA THR B 366 19.23 -1.54 3.96
C THR B 366 17.75 -1.22 3.89
N TRP B 367 17.35 -0.04 4.38
CA TRP B 367 15.95 0.38 4.32
C TRP B 367 15.41 0.29 2.90
N VAL B 368 16.21 0.72 1.92
CA VAL B 368 15.78 0.72 0.52
C VAL B 368 16.06 -0.60 -0.19
N HIS B 369 16.66 -1.58 0.50
CA HIS B 369 16.93 -2.87 -0.12
C HIS B 369 15.65 -3.57 -0.53
N PHE B 370 14.83 -3.93 0.44
CA PHE B 370 13.58 -4.64 0.21
C PHE B 370 12.39 -3.71 0.17
N ASP B 371 12.64 -2.50 0.11
CA ASP B 371 11.56 -1.47 -0.03
C ASP B 371 10.56 -1.90 -1.11
N ALA B 372 9.29 -1.75 -0.95
CA ALA B 372 8.28 -2.12 -1.94
C ALA B 372 8.13 -1.05 -3.00
N LEU B 373 9.01 -0.05 -2.95
CA LEU B 373 9.08 1.09 -3.86
C LEU B 373 7.92 2.05 -3.63
N TYR B 374 6.96 1.66 -2.79
CA TYR B 374 6.06 2.61 -2.18
C TYR B 374 6.05 2.45 -0.66
N GLU B 375 6.95 1.64 -0.11
CA GLU B 375 7.02 1.47 1.33
C GLU B 375 7.24 2.82 2.03
N ALA B 376 8.26 3.56 1.59
CA ALA B 376 8.53 4.86 2.20
C ALA B 376 7.37 5.82 1.98
N TYR B 377 6.76 5.74 0.81
CA TYR B 377 5.75 6.73 0.37
C TYR B 377 4.41 6.37 0.94
N LEU B 378 4.09 5.10 1.03
CA LEU B 378 2.92 4.68 1.80
C LEU B 378 3.09 5.04 3.26
N ASN B 379 4.30 4.88 3.79
CA ASN B 379 4.58 5.30 5.16
C ASN B 379 4.36 6.79 5.33
N ALA B 380 4.81 7.59 4.37
CA ALA B 380 4.59 9.03 4.42
C ALA B 380 3.11 9.36 4.35
N CYS B 381 2.37 8.66 3.49
CA CYS B 381 0.93 8.88 3.39
C CYS B 381 0.23 8.55 4.70
N LEU B 382 0.60 7.43 5.32
CA LEU B 382 -0.01 7.04 6.58
C LEU B 382 0.35 7.99 7.70
N ILE B 383 1.60 8.45 7.73
CA ILE B 383 2.01 9.46 8.71
C ILE B 383 1.21 10.74 8.52
N LEU B 384 1.08 11.20 7.28
CA LEU B 384 0.39 12.45 6.99
C LEU B 384 -1.09 12.34 7.35
N LEU B 385 -1.72 11.22 7.01
CA LEU B 385 -3.12 11.00 7.36
C LEU B 385 -3.31 10.95 8.88
N ALA B 386 -2.55 10.08 9.55
CA ALA B 386 -2.70 9.94 10.99
C ALA B 386 -2.34 11.23 11.73
N ASN B 387 -1.27 11.90 11.31
CA ASN B 387 -0.88 13.16 11.96
C ASN B 387 -1.93 14.25 11.80
N GLY B 388 -2.86 14.10 10.85
CA GLY B 388 -3.88 15.10 10.67
C GLY B 388 -3.55 16.16 9.64
N VAL B 389 -2.43 16.00 8.93
CA VAL B 389 -2.03 16.96 7.91
C VAL B 389 -3.14 17.06 6.87
N PRO B 390 -3.67 18.25 6.61
CA PRO B 390 -4.80 18.36 5.68
C PRO B 390 -4.36 18.08 4.25
N PHE B 391 -5.33 17.70 3.43
CA PHE B 391 -5.06 17.50 2.02
C PHE B 391 -4.93 18.85 1.32
N ASP B 392 -4.88 18.81 -0.01
CA ASP B 392 -4.77 20.04 -0.77
C ASP B 392 -6.01 20.89 -0.54
N PRO B 393 -5.86 22.16 -0.16
CA PRO B 393 -7.05 23.00 0.04
C PRO B 393 -7.91 23.13 -1.20
N ASN B 394 -7.32 22.98 -2.39
CA ASN B 394 -8.05 23.05 -3.64
C ASN B 394 -8.86 21.80 -3.93
N LEU B 395 -8.58 20.69 -3.25
CA LEU B 395 -9.43 19.52 -3.37
C LEU B 395 -10.81 19.82 -2.81
N PRO B 396 -11.86 19.20 -3.33
CA PRO B 396 -13.21 19.51 -2.88
C PRO B 396 -13.54 18.82 -1.57
N PHE B 397 -14.53 19.39 -0.88
CA PHE B 397 -15.02 18.89 0.40
C PHE B 397 -13.94 18.84 1.46
N GLN B 398 -12.91 19.69 1.35
CA GLN B 398 -11.83 19.72 2.33
C GLN B 398 -12.13 20.62 3.52
N GLN B 399 -13.29 21.27 3.56
CA GLN B 399 -13.62 22.16 4.66
C GLN B 399 -14.22 21.36 5.81
N GLU B 400 -14.42 22.05 6.94
CA GLU B 400 -15.14 21.45 8.05
C GLU B 400 -16.54 21.09 7.60
N ASP B 401 -17.00 19.91 8.02
CA ASP B 401 -18.20 19.30 7.44
C ASP B 401 -19.46 20.10 7.72
N LYS B 402 -19.38 21.23 8.42
CA LYS B 402 -20.54 22.08 8.61
C LYS B 402 -20.72 23.05 7.46
N LEU B 403 -19.76 23.13 6.53
CA LEU B 403 -19.86 23.98 5.35
C LEU B 403 -20.13 23.17 4.09
N ASP B 404 -19.27 22.20 3.80
CA ASP B 404 -19.41 21.39 2.59
C ASP B 404 -20.40 20.25 2.75
N ASN B 405 -20.79 19.91 3.98
CA ASN B 405 -21.72 18.82 4.26
C ASN B 405 -21.25 17.50 3.64
N GLN B 406 -19.94 17.31 3.55
CA GLN B 406 -19.40 16.11 2.93
C GLN B 406 -18.03 15.80 3.52
N ASP B 407 -17.80 14.52 3.79
CA ASP B 407 -16.50 14.02 4.21
C ASP B 407 -15.87 13.26 3.06
N VAL B 408 -14.55 13.34 2.96
CA VAL B 408 -13.81 12.76 1.85
C VAL B 408 -13.06 11.54 2.35
N PHE B 409 -13.48 10.36 1.90
CA PHE B 409 -12.70 9.15 2.12
C PHE B 409 -12.29 8.48 0.81
N VAL B 410 -13.25 8.15 -0.06
CA VAL B 410 -12.93 7.45 -1.31
C VAL B 410 -12.22 8.38 -2.27
N ASN B 411 -12.74 9.58 -2.45
CA ASN B 411 -12.15 10.57 -3.34
C ASN B 411 -11.70 11.77 -2.51
N PHE B 412 -10.48 12.25 -2.79
CA PHE B 412 -9.93 13.43 -2.15
C PHE B 412 -9.82 13.25 -0.64
N GLY B 413 -9.74 12.00 -0.19
CA GLY B 413 -9.66 11.66 1.21
C GLY B 413 -8.54 10.68 1.48
N SER B 414 -8.70 9.92 2.56
CA SER B 414 -7.67 8.96 2.96
C SER B 414 -7.47 7.90 1.89
N ALA B 415 -8.54 7.26 1.44
CA ALA B 415 -8.40 6.14 0.51
C ALA B 415 -7.87 6.61 -0.83
N HIS B 416 -8.28 7.80 -1.29
CA HIS B 416 -7.88 8.25 -2.61
C HIS B 416 -6.37 8.39 -2.73
N VAL B 417 -5.76 9.18 -1.85
CA VAL B 417 -4.30 9.33 -1.88
C VAL B 417 -3.64 8.03 -1.47
N LEU B 418 -4.23 7.32 -0.51
CA LEU B 418 -3.65 6.07 -0.01
C LEU B 418 -3.46 5.07 -1.15
N SER B 419 -4.39 5.07 -2.11
CA SER B 419 -4.31 4.11 -3.21
C SER B 419 -3.62 4.70 -4.42
N LEU B 420 -3.70 6.02 -4.63
CA LEU B 420 -2.97 6.61 -5.76
C LEU B 420 -1.46 6.55 -5.54
N VAL B 421 -1.00 6.84 -4.32
CA VAL B 421 0.43 6.87 -4.05
C VAL B 421 1.07 5.51 -4.24
N THR B 422 0.29 4.45 -4.38
CA THR B 422 0.81 3.12 -4.64
C THR B 422 0.50 2.62 -6.04
N GLU B 423 -0.72 2.87 -6.53
CA GLU B 423 -1.06 2.58 -7.91
C GLU B 423 -0.15 3.29 -8.90
N VAL B 424 0.38 4.47 -8.53
CA VAL B 424 1.40 5.12 -9.36
C VAL B 424 2.68 4.29 -9.48
N ALA B 425 2.91 3.37 -8.53
CA ALA B 425 4.22 2.74 -8.44
C ALA B 425 4.50 1.85 -9.65
N THR B 426 3.50 1.09 -10.10
CA THR B 426 3.77 0.16 -11.20
C THR B 426 3.86 0.88 -12.53
N ARG B 427 3.10 1.97 -12.73
CA ARG B 427 3.28 2.76 -13.94
C ARG B 427 4.66 3.41 -13.97
N ALA B 428 5.09 3.97 -12.84
CA ALA B 428 6.43 4.54 -12.76
C ALA B 428 7.50 3.48 -13.00
N LEU B 429 7.28 2.28 -12.46
CA LEU B 429 8.25 1.20 -12.62
C LEU B 429 8.30 0.73 -14.07
N LYS B 430 7.17 0.68 -14.76
CA LYS B 430 7.20 0.33 -16.18
C LYS B 430 7.94 1.39 -16.99
N ALA B 431 7.71 2.67 -16.69
CA ALA B 431 8.44 3.71 -17.38
C ALA B 431 9.96 3.59 -17.15
N VAL B 432 10.36 3.36 -15.89
CA VAL B 432 11.78 3.23 -15.61
C VAL B 432 12.33 1.93 -16.20
N ARG B 433 11.55 1.00 -16.59
CA ARG B 433 12.09 -0.24 -17.15
C ARG B 433 12.34 0.02 -18.62
N TYR B 434 11.42 0.65 -19.09
CA TYR B 434 11.72 1.07 -20.44
C TYR B 434 13.03 1.83 -20.48
N GLN B 435 13.17 2.86 -19.64
CA GLN B 435 14.36 3.70 -19.67
C GLN B 435 15.62 2.88 -19.40
N LYS B 436 15.55 1.95 -18.46
CA LYS B 436 16.68 1.07 -18.16
C LYS B 436 17.05 0.21 -19.36
N PHE B 437 16.12 -0.64 -19.80
CA PHE B 437 16.45 -1.70 -20.72
C PHE B 437 16.44 -1.26 -22.19
N ASN B 438 15.36 -0.63 -22.65
CA ASN B 438 15.21 -0.42 -24.08
C ASN B 438 16.07 0.71 -24.62
N ILE B 439 16.53 1.64 -23.79
CA ILE B 439 17.29 2.77 -24.29
C ILE B 439 18.69 2.85 -23.70
N HIS B 440 18.78 3.06 -22.39
CA HIS B 440 20.06 3.43 -21.80
C HIS B 440 20.96 2.23 -21.54
N ARG B 441 20.48 1.27 -20.76
CA ARG B 441 21.24 0.08 -20.39
C ARG B 441 22.57 0.48 -19.74
N ARG B 442 22.52 1.50 -18.90
CA ARG B 442 23.71 1.94 -18.20
C ARG B 442 24.27 0.84 -17.31
N LEU B 443 25.59 0.76 -17.25
CA LEU B 443 26.24 -0.21 -16.38
C LEU B 443 26.02 0.20 -14.93
N ARG B 444 25.96 -0.81 -14.06
CA ARG B 444 25.70 -0.56 -12.66
C ARG B 444 26.93 0.01 -11.97
N PRO B 445 26.75 0.75 -10.88
CA PRO B 445 27.90 1.23 -10.10
C PRO B 445 28.86 0.14 -9.69
N GLU B 446 28.39 -1.09 -9.43
CA GLU B 446 29.32 -2.18 -9.23
C GLU B 446 30.09 -2.49 -10.51
N ALA B 447 29.44 -2.38 -11.67
CA ALA B 447 30.15 -2.58 -12.93
C ALA B 447 31.19 -1.50 -13.17
N THR B 448 30.89 -0.24 -12.84
CA THR B 448 31.86 0.89 -12.98
C THR B 448 32.97 0.75 -11.95
N GLY B 449 32.66 0.24 -10.78
CA GLY B 449 33.70 -0.07 -9.83
C GLY B 449 34.59 -1.21 -10.29
N GLY B 450 34.00 -2.22 -10.95
CA GLY B 450 34.81 -3.30 -11.48
C GLY B 450 35.72 -2.85 -12.60
N LEU B 451 35.19 -2.04 -13.53
CA LEU B 451 36.04 -1.46 -14.57
C LEU B 451 37.17 -0.63 -13.96
N ILE B 452 36.84 0.23 -13.00
CA ILE B 452 37.84 1.07 -12.35
C ILE B 452 38.90 0.21 -11.65
N SER B 453 38.47 -0.85 -10.97
CA SER B 453 39.41 -1.70 -10.24
C SER B 453 40.32 -2.45 -11.21
N VAL B 454 39.74 -3.05 -12.26
CA VAL B 454 40.56 -3.75 -13.24
C VAL B 454 41.54 -2.80 -13.91
N ASN B 455 41.09 -1.59 -14.25
CA ASN B 455 41.97 -0.61 -14.86
C ASN B 455 43.11 -0.21 -13.91
N LYS B 456 42.79 -0.02 -12.62
CA LYS B 456 43.81 0.39 -11.66
C LYS B 456 44.74 -0.75 -11.27
N ILE B 457 44.31 -1.99 -11.46
CA ILE B 457 45.15 -3.13 -11.13
C ILE B 457 46.00 -3.54 -12.33
N ALA B 458 45.58 -3.16 -13.53
CA ALA B 458 46.33 -3.53 -14.73
C ALA B 458 47.79 -3.07 -14.69
N PRO B 459 48.12 -1.84 -14.27
CA PRO B 459 49.55 -1.49 -14.16
C PRO B 459 50.30 -2.34 -13.16
N GLN B 460 49.62 -2.90 -12.16
CA GLN B 460 50.29 -3.75 -11.18
C GLN B 460 50.82 -5.02 -11.82
N LYS B 461 50.07 -5.59 -12.76
CA LYS B 461 50.54 -6.71 -13.56
C LYS B 461 51.16 -6.26 -14.88
N GLY B 462 51.23 -4.96 -15.14
CA GLY B 462 51.84 -4.45 -16.34
C GLY B 462 50.93 -4.29 -17.53
N GLU B 463 49.68 -4.75 -17.43
CA GLU B 463 48.72 -4.61 -18.51
C GLU B 463 48.13 -3.19 -18.47
N SER B 464 47.32 -2.85 -19.47
CA SER B 464 46.65 -1.57 -19.53
C SER B 464 45.34 -1.76 -20.28
N ILE B 465 44.24 -1.86 -19.53
CA ILE B 465 42.92 -2.08 -20.11
C ILE B 465 41.95 -1.05 -19.54
N PHE B 466 40.83 -0.88 -20.26
CA PHE B 466 39.80 0.12 -19.97
C PHE B 466 40.37 1.54 -19.96
N PRO B 467 40.86 2.07 -21.09
CA PRO B 467 41.18 3.51 -21.14
C PRO B 467 40.00 4.42 -20.80
N GLU B 468 38.77 3.89 -20.84
CA GLU B 468 37.60 4.75 -20.67
C GLU B 468 37.47 5.24 -19.24
N VAL B 469 37.75 4.37 -18.27
CA VAL B 469 37.63 4.74 -16.86
C VAL B 469 38.97 5.26 -16.35
N ASP B 470 39.89 5.56 -17.27
CA ASP B 470 41.19 6.07 -16.86
C ASP B 470 41.07 7.40 -16.12
N LEU B 471 40.22 8.30 -16.62
CA LEU B 471 40.06 9.59 -15.98
C LEU B 471 39.45 9.42 -14.58
N ALA B 472 38.48 8.53 -14.44
CA ALA B 472 37.90 8.26 -13.13
C ALA B 472 38.91 7.67 -12.18
N VAL B 473 39.77 6.76 -12.67
CA VAL B 473 40.79 6.17 -11.83
C VAL B 473 41.79 7.23 -11.38
N GLU B 474 42.20 8.11 -12.29
CA GLU B 474 43.23 9.09 -11.94
C GLU B 474 42.70 10.19 -11.02
N GLU B 475 41.45 10.62 -11.21
CA GLU B 475 40.87 11.57 -10.26
C GLU B 475 40.63 10.96 -8.90
N LEU B 476 40.15 9.72 -8.84
CA LEU B 476 39.90 9.01 -7.59
C LEU B 476 41.17 8.42 -7.01
N GLY B 477 42.12 9.26 -6.60
CA GLY B 477 43.34 8.73 -6.01
C GLY B 477 43.15 8.33 -4.56
N ASP B 478 42.89 9.32 -3.70
CA ASP B 478 42.68 9.04 -2.29
C ASP B 478 41.42 8.22 -2.06
N ILE B 479 40.37 8.50 -2.83
CA ILE B 479 39.12 7.76 -2.68
C ILE B 479 39.35 6.29 -2.97
N LEU B 480 40.05 5.97 -4.05
CA LEU B 480 40.30 4.57 -4.38
C LEU B 480 41.34 3.94 -3.46
N GLU B 481 42.25 4.73 -2.89
CA GLU B 481 43.14 4.18 -1.87
C GLU B 481 42.36 3.74 -0.64
N LYS B 482 41.44 4.59 -0.17
CA LYS B 482 40.58 4.20 0.94
C LYS B 482 39.69 3.03 0.58
N ALA B 483 39.22 2.99 -0.67
CA ALA B 483 38.43 1.86 -1.14
C ALA B 483 39.24 0.57 -1.15
N GLU B 484 40.51 0.65 -1.55
CA GLU B 484 41.39 -0.51 -1.50
C GLU B 484 41.59 -0.98 -0.07
N ILE B 485 41.78 -0.05 0.85
CA ILE B 485 41.93 -0.43 2.26
C ILE B 485 40.67 -1.13 2.77
N SER B 486 39.51 -0.56 2.49
CA SER B 486 38.25 -1.15 2.96
C SER B 486 38.00 -2.50 2.31
N ASN B 487 38.28 -2.63 1.02
CA ASN B 487 38.10 -3.90 0.33
C ASN B 487 39.07 -4.95 0.84
N ARG B 488 40.31 -4.55 1.16
CA ARG B 488 41.24 -5.50 1.77
C ARG B 488 40.71 -5.99 3.11
N LYS B 489 40.20 -5.08 3.94
CA LYS B 489 39.61 -5.49 5.22
C LYS B 489 38.46 -6.47 5.00
N GLN B 490 37.56 -6.15 4.05
CA GLN B 490 36.40 -6.98 3.82
C GLN B 490 36.79 -8.35 3.26
N ASN B 491 37.78 -8.38 2.37
CA ASN B 491 38.20 -9.65 1.79
C ASN B 491 38.94 -10.51 2.80
N ILE B 492 39.71 -9.89 3.71
CA ILE B 492 40.30 -10.64 4.80
C ILE B 492 39.21 -11.22 5.70
N ALA B 493 38.19 -10.42 6.00
CA ALA B 493 37.09 -10.92 6.81
C ALA B 493 36.24 -11.94 6.07
N ASP B 494 36.38 -12.01 4.74
CA ASP B 494 35.56 -12.92 3.96
C ASP B 494 36.22 -14.29 3.77
N GLY B 495 37.46 -14.44 4.25
CA GLY B 495 38.11 -15.73 4.18
C GLY B 495 39.48 -15.73 3.50
N ASP B 496 39.69 -14.79 2.57
CA ASP B 496 40.94 -14.72 1.84
C ASP B 496 42.05 -14.30 2.78
N PRO B 497 43.11 -15.09 2.96
CA PRO B 497 44.19 -14.67 3.88
C PRO B 497 44.98 -13.49 3.38
N ASP B 498 45.37 -13.48 2.11
CA ASP B 498 46.13 -12.38 1.50
C ASP B 498 45.44 -11.96 0.22
N PRO B 499 44.33 -11.23 0.31
CA PRO B 499 43.61 -10.81 -0.89
C PRO B 499 44.48 -9.93 -1.78
N ASP B 500 44.31 -10.13 -3.09
CA ASP B 500 44.95 -9.25 -4.04
C ASP B 500 44.32 -7.86 -3.97
N PRO B 501 45.12 -6.80 -4.17
CA PRO B 501 44.58 -5.44 -4.21
C PRO B 501 43.27 -5.33 -4.97
N SER B 502 42.22 -4.83 -4.31
CA SER B 502 40.91 -4.72 -4.92
C SER B 502 40.39 -3.31 -4.72
N PHE B 503 40.11 -2.61 -5.83
CA PHE B 503 39.52 -1.28 -5.79
C PHE B 503 38.04 -1.30 -6.11
N LEU B 504 37.38 -2.44 -5.92
CA LEU B 504 35.97 -2.58 -6.21
C LEU B 504 35.14 -1.69 -5.31
N LEU B 505 34.00 -1.27 -5.81
CA LEU B 505 33.07 -0.50 -5.01
C LEU B 505 32.44 -1.42 -3.96
N PRO B 506 32.66 -1.19 -2.67
CA PRO B 506 31.99 -2.01 -1.66
C PRO B 506 30.50 -1.71 -1.64
N MET B 507 29.68 -2.75 -1.53
CA MET B 507 28.25 -2.57 -1.59
C MET B 507 27.55 -3.33 -0.47
N ALA B 508 26.54 -2.68 0.11
CA ALA B 508 25.79 -3.25 1.21
C ALA B 508 24.89 -4.41 0.81
N PHE B 509 24.83 -4.77 -0.48
CA PHE B 509 23.95 -5.84 -0.95
C PHE B 509 24.81 -7.03 -1.35
N ALA B 510 24.47 -8.21 -0.81
CA ALA B 510 25.20 -9.41 -1.17
C ALA B 510 24.99 -9.77 -2.64
N GLU B 511 23.75 -9.68 -3.11
CA GLU B 511 23.44 -9.89 -4.52
C GLU B 511 23.85 -8.72 -5.38
N GLY B 512 24.40 -7.67 -4.78
CA GLY B 512 24.68 -6.48 -5.55
C GLY B 512 23.40 -5.77 -5.94
N SER B 513 23.51 -4.93 -6.96
CA SER B 513 22.33 -4.26 -7.48
C SER B 513 21.38 -5.28 -8.11
N PRO B 514 20.08 -4.99 -8.12
CA PRO B 514 19.14 -5.85 -8.84
C PRO B 514 19.50 -5.94 -10.32
N PHE B 515 18.86 -6.89 -11.00
CA PHE B 515 19.18 -7.17 -12.40
C PHE B 515 18.35 -6.27 -13.32
N HIS B 516 18.74 -4.99 -13.33
CA HIS B 516 18.27 -4.05 -14.33
C HIS B 516 19.23 -2.87 -14.35
N PRO B 517 19.37 -2.20 -15.50
CA PRO B 517 20.38 -1.14 -15.62
C PRO B 517 20.15 -0.02 -14.62
N SER B 518 21.25 0.64 -14.26
CA SER B 518 21.20 1.67 -13.22
C SER B 518 20.46 2.92 -13.68
N TYR B 519 20.39 3.19 -14.97
CA TYR B 519 19.76 4.39 -15.52
C TYR B 519 18.58 3.97 -16.39
N GLY B 520 17.37 4.31 -15.96
CA GLY B 520 17.09 5.04 -14.73
C GLY B 520 17.00 4.14 -13.52
N SER B 521 16.53 4.69 -12.40
CA SER B 521 16.42 3.96 -11.15
C SER B 521 14.96 3.69 -10.82
N GLY B 522 14.63 2.43 -10.59
CA GLY B 522 13.25 2.09 -10.22
C GLY B 522 12.82 2.78 -8.94
N HIS B 523 13.70 2.71 -7.88
CA HIS B 523 13.11 3.29 -6.66
C HIS B 523 13.13 4.81 -6.69
N ALA B 524 14.06 5.38 -7.44
CA ALA B 524 14.00 6.84 -7.54
C ALA B 524 12.85 7.31 -8.44
N VAL B 525 12.53 6.57 -9.50
CA VAL B 525 11.37 6.93 -10.32
C VAL B 525 10.10 6.84 -9.50
N VAL B 526 9.93 5.73 -8.76
CA VAL B 526 8.73 5.62 -7.94
C VAL B 526 8.77 6.62 -6.80
N ALA B 527 9.96 7.00 -6.33
CA ALA B 527 10.08 8.09 -5.37
C ALA B 527 9.49 9.37 -5.93
N GLY B 528 9.94 9.77 -7.12
CA GLY B 528 9.39 10.95 -7.74
C GLY B 528 7.90 10.87 -7.92
N ALA B 529 7.41 9.73 -8.42
CA ALA B 529 5.99 9.59 -8.69
C ALA B 529 5.17 9.66 -7.41
N CYS B 530 5.56 8.89 -6.39
CA CYS B 530 4.78 8.81 -5.16
C CYS B 530 4.85 10.11 -4.37
N VAL B 531 6.04 10.72 -4.28
CA VAL B 531 6.16 11.99 -3.60
C VAL B 531 5.40 13.08 -4.34
N THR B 532 5.36 13.01 -5.67
CA THR B 532 4.56 13.96 -6.43
C THR B 532 3.08 13.79 -6.15
N ILE B 533 2.61 12.54 -6.08
CA ILE B 533 1.22 12.29 -5.72
C ILE B 533 0.92 12.83 -4.33
N LEU B 534 1.82 12.57 -3.38
CA LEU B 534 1.61 13.01 -2.00
C LEU B 534 1.58 14.53 -1.89
N LYS B 535 2.47 15.21 -2.61
CA LYS B 535 2.49 16.68 -2.58
C LYS B 535 1.27 17.25 -3.29
N ALA B 536 0.81 16.60 -4.37
CA ALA B 536 -0.38 17.06 -5.06
C ALA B 536 -1.63 16.83 -4.22
N PHE B 537 -1.58 15.87 -3.31
CA PHE B 537 -2.76 15.53 -2.51
C PHE B 537 -2.76 16.26 -1.18
N PHE B 538 -1.74 16.03 -0.36
CA PHE B 538 -1.67 16.71 0.91
C PHE B 538 -1.26 18.16 0.72
N ASP B 539 -1.61 18.99 1.69
CA ASP B 539 -1.23 20.39 1.63
C ASP B 539 0.28 20.48 1.84
N SER B 540 1.02 20.47 0.73
CA SER B 540 2.47 20.36 0.79
C SER B 540 3.11 21.57 1.44
N GLY B 541 2.42 22.70 1.51
CA GLY B 541 2.94 23.86 2.18
C GLY B 541 2.89 23.82 3.69
N ILE B 542 2.15 22.87 4.26
CA ILE B 542 1.98 22.77 5.71
C ILE B 542 3.34 22.66 6.37
N GLU B 543 3.61 23.53 7.35
CA GLU B 543 4.87 23.47 8.07
C GLU B 543 4.78 22.43 9.19
N ILE B 544 5.79 21.58 9.28
CA ILE B 544 5.83 20.53 10.30
C ILE B 544 6.31 21.15 11.60
N ASP B 545 5.48 21.04 12.64
CA ASP B 545 5.80 21.65 13.93
C ASP B 545 7.01 20.98 14.58
N GLN B 546 6.99 19.65 14.66
CA GLN B 546 8.04 18.90 15.35
C GLN B 546 8.96 18.28 14.32
N VAL B 547 10.19 18.78 14.24
CA VAL B 547 11.22 18.22 13.38
C VAL B 547 12.14 17.37 14.26
N PHE B 548 12.19 16.08 13.97
CA PHE B 548 12.92 15.13 14.80
C PHE B 548 14.13 14.59 14.07
N GLU B 549 15.03 13.99 14.85
CA GLU B 549 16.22 13.33 14.32
C GLU B 549 16.61 12.21 15.28
N VAL B 550 17.23 11.17 14.74
CA VAL B 550 17.64 10.04 15.55
C VAL B 550 18.75 10.48 16.49
N ASP B 551 18.74 9.92 17.71
CA ASP B 551 19.74 10.28 18.70
C ASP B 551 21.14 9.90 18.23
N LYS B 552 22.11 10.73 18.61
CA LYS B 552 23.49 10.48 18.23
C LYS B 552 24.04 9.21 18.85
N ASP B 553 23.55 8.84 20.05
CA ASP B 553 24.05 7.65 20.73
C ASP B 553 22.93 6.79 21.31
N GLU B 554 21.73 6.84 20.74
CA GLU B 554 20.63 6.03 21.22
C GLU B 554 19.66 5.78 20.08
N ASP B 555 18.90 4.68 20.18
CA ASP B 555 17.92 4.32 19.16
C ASP B 555 16.56 4.91 19.54
N LYS B 556 16.48 6.24 19.43
CA LYS B 556 15.24 6.95 19.71
C LYS B 556 15.29 8.31 19.04
N LEU B 557 14.12 8.91 18.89
CA LEU B 557 13.98 10.20 18.21
C LEU B 557 14.03 11.35 19.21
N VAL B 558 14.81 12.37 18.88
CA VAL B 558 14.89 13.60 19.65
C VAL B 558 14.74 14.78 18.71
N LYS B 559 14.39 15.92 19.28
CA LYS B 559 14.26 17.14 18.49
C LYS B 559 15.57 17.46 17.80
N SER B 560 15.50 18.17 16.69
CA SER B 560 16.70 18.40 15.89
C SER B 560 17.22 19.82 16.09
N SER B 561 18.51 19.98 15.85
CA SER B 561 19.13 21.30 15.97
C SER B 561 18.63 22.27 14.90
N PHE B 562 17.94 21.78 13.88
CA PHE B 562 17.34 22.67 12.89
C PHE B 562 16.34 23.61 13.54
N LYS B 563 16.64 24.90 13.54
CA LYS B 563 15.79 25.90 14.15
C LYS B 563 14.83 26.54 13.16
N GLY B 564 14.98 26.27 11.87
CA GLY B 564 14.08 26.79 10.86
C GLY B 564 12.79 26.02 10.80
N THR B 565 12.04 26.25 9.73
CA THR B 565 10.76 25.59 9.49
C THR B 565 10.86 24.69 8.28
N LEU B 566 10.21 23.53 8.37
CA LEU B 566 10.22 22.53 7.30
C LEU B 566 8.78 22.24 6.90
N THR B 567 8.56 21.95 5.62
CA THR B 567 7.22 21.80 5.09
C THR B 567 6.94 20.34 4.75
N VAL B 568 5.67 20.05 4.53
CA VAL B 568 5.29 18.71 4.07
C VAL B 568 5.92 18.43 2.71
N ALA B 569 5.94 19.43 1.83
CA ALA B 569 6.67 19.28 0.58
C ALA B 569 8.16 19.09 0.83
N GLY B 570 8.72 19.84 1.79
CA GLY B 570 10.12 19.68 2.10
C GLY B 570 10.47 18.27 2.55
N GLU B 571 9.67 17.71 3.47
CA GLU B 571 9.95 16.37 3.96
C GLU B 571 9.62 15.30 2.93
N LEU B 572 8.63 15.54 2.06
CA LEU B 572 8.35 14.56 1.02
C LEU B 572 9.47 14.52 -0.01
N ASN B 573 9.96 15.68 -0.44
CA ASN B 573 11.12 15.72 -1.33
C ASN B 573 12.35 15.16 -0.64
N LYS B 574 12.49 15.41 0.66
CA LYS B 574 13.60 14.86 1.41
C LYS B 574 13.49 13.35 1.54
N LEU B 575 12.26 12.82 1.57
CA LEU B 575 12.07 11.37 1.62
C LEU B 575 12.41 10.73 0.28
N ALA B 576 12.02 11.38 -0.82
CA ALA B 576 12.45 10.90 -2.14
C ALA B 576 13.96 10.94 -2.25
N ASP B 577 14.57 12.04 -1.80
CA ASP B 577 16.02 12.14 -1.75
C ASP B 577 16.62 11.03 -0.90
N ASN B 578 16.01 10.75 0.25
CA ASN B 578 16.51 9.72 1.14
C ASN B 578 16.50 8.35 0.47
N ILE B 579 15.38 8.00 -0.18
CA ILE B 579 15.30 6.70 -0.82
C ILE B 579 16.30 6.60 -1.97
N ALA B 580 16.40 7.64 -2.79
CA ALA B 580 17.31 7.60 -3.92
C ALA B 580 18.77 7.52 -3.47
N ILE B 581 19.17 8.41 -2.55
CA ILE B 581 20.55 8.38 -2.10
C ILE B 581 20.80 7.20 -1.16
N GLY B 582 19.74 6.52 -0.70
CA GLY B 582 19.95 5.26 0.00
C GLY B 582 20.21 4.12 -0.96
N ARG B 583 19.59 4.17 -2.14
CA ARG B 583 20.03 3.28 -3.22
C ARG B 583 21.49 3.55 -3.57
N ASN B 584 21.89 4.82 -3.62
CA ASN B 584 23.29 5.13 -3.85
C ASN B 584 24.19 4.60 -2.73
N MET B 585 23.76 4.76 -1.48
CA MET B 585 24.52 4.22 -0.36
C MET B 585 24.63 2.71 -0.42
N ALA B 586 23.74 2.05 -1.14
CA ALA B 586 23.89 0.63 -1.43
C ALA B 586 24.83 0.37 -2.59
N GLY B 587 25.28 1.42 -3.27
CA GLY B 587 26.13 1.25 -4.43
C GLY B 587 25.42 0.72 -5.66
N VAL B 588 24.12 0.95 -5.77
CA VAL B 588 23.34 0.38 -6.86
C VAL B 588 22.86 1.42 -7.87
N HIS B 589 23.06 2.71 -7.59
CA HIS B 589 22.66 3.76 -8.51
C HIS B 589 23.55 4.97 -8.31
N TYR B 590 23.90 5.62 -9.41
CA TYR B 590 24.61 6.89 -9.35
C TYR B 590 23.64 8.02 -9.02
N PHE B 591 24.18 9.24 -8.86
CA PHE B 591 23.33 10.36 -8.51
C PHE B 591 22.48 10.82 -9.69
N SER B 592 23.07 10.89 -10.88
CA SER B 592 22.29 11.26 -12.05
C SER B 592 21.14 10.29 -12.27
N ASP B 593 21.39 9.00 -11.99
CA ASP B 593 20.31 8.01 -12.03
C ASP B 593 19.16 8.47 -11.16
N GLN B 594 19.45 8.83 -9.92
CA GLN B 594 18.40 9.20 -8.97
C GLN B 594 17.68 10.47 -9.40
N PHE B 595 18.42 11.50 -9.80
CA PHE B 595 17.77 12.77 -10.08
C PHE B 595 16.92 12.68 -11.34
N GLU B 596 17.46 12.12 -12.41
CA GLU B 596 16.69 12.00 -13.64
C GLU B 596 15.55 11.00 -13.48
N SER B 597 15.75 9.95 -12.67
CA SER B 597 14.65 9.05 -12.35
C SER B 597 13.56 9.77 -11.56
N LEU B 598 13.94 10.65 -10.64
CA LEU B 598 12.95 11.43 -9.90
C LEU B 598 12.17 12.34 -10.83
N LEU B 599 12.85 12.97 -11.79
CA LEU B 599 12.15 13.77 -12.78
C LEU B 599 11.20 12.94 -13.64
N LEU B 600 11.64 11.73 -14.01
CA LEU B 600 10.78 10.84 -14.78
C LEU B 600 9.56 10.43 -13.98
N GLY B 601 9.74 10.13 -12.69
CA GLY B 601 8.61 9.78 -11.85
C GLY B 601 7.67 10.95 -11.65
N GLU B 602 8.22 12.16 -11.55
CA GLU B 602 7.38 13.35 -11.52
C GLU B 602 6.54 13.45 -12.78
N GLN B 603 7.15 13.22 -13.94
CA GLN B 603 6.40 13.16 -15.19
C GLN B 603 5.29 12.11 -15.14
N VAL B 604 5.62 10.91 -14.66
CA VAL B 604 4.64 9.82 -14.59
C VAL B 604 3.46 10.22 -13.73
N ALA B 605 3.74 10.80 -12.56
CA ALA B 605 2.67 11.12 -11.63
C ALA B 605 1.85 12.31 -12.11
N ILE B 606 2.48 13.27 -12.79
CA ILE B 606 1.71 14.36 -13.38
C ILE B 606 0.77 13.81 -14.45
N GLY B 607 1.27 12.91 -15.29
CA GLY B 607 0.39 12.30 -16.30
C GLY B 607 -0.76 11.54 -15.67
N ILE B 608 -0.47 10.74 -14.64
CA ILE B 608 -1.51 9.97 -13.97
C ILE B 608 -2.54 10.88 -13.33
N LEU B 609 -2.09 11.96 -12.67
CA LEU B 609 -3.03 12.88 -12.05
C LEU B 609 -3.85 13.61 -13.09
N GLU B 610 -3.25 13.97 -14.23
CA GLU B 610 -3.98 14.64 -15.30
C GLU B 610 -5.08 13.74 -15.85
N GLU B 611 -4.75 12.46 -16.10
CA GLU B 611 -5.78 11.53 -16.58
C GLU B 611 -6.82 11.23 -15.50
N GLN B 612 -6.43 11.25 -14.23
CA GLN B 612 -7.37 10.97 -13.15
C GLN B 612 -8.36 12.11 -12.98
N SER B 613 -7.89 13.35 -13.10
CA SER B 613 -8.76 14.51 -12.88
C SER B 613 -9.94 14.51 -13.83
N LEU B 614 -9.80 13.89 -15.00
CA LEU B 614 -10.94 13.76 -15.89
C LEU B 614 -12.07 12.94 -15.26
N THR B 615 -11.74 11.83 -14.60
CA THR B 615 -12.75 10.99 -13.97
C THR B 615 -13.60 11.75 -12.97
N TYR B 616 -12.99 12.45 -12.02
CA TYR B 616 -13.71 13.15 -10.97
C TYR B 616 -14.45 14.34 -11.57
N GLY B 617 -15.77 14.35 -11.41
CA GLY B 617 -16.57 15.45 -11.90
C GLY B 617 -16.63 16.66 -11.01
N GLU B 618 -16.08 16.56 -9.80
CA GLU B 618 -16.01 17.70 -8.91
C GLU B 618 -15.06 18.75 -9.45
N ASN B 619 -15.35 20.01 -9.13
CA ASN B 619 -14.50 21.12 -9.54
C ASN B 619 -13.34 21.23 -8.55
N PHE B 620 -12.13 20.94 -9.02
CA PHE B 620 -10.98 20.84 -8.14
C PHE B 620 -9.71 20.75 -8.99
N PHE B 621 -8.57 20.86 -8.31
CA PHE B 621 -7.28 20.67 -8.94
C PHE B 621 -6.25 20.44 -7.85
N PHE B 622 -5.21 19.68 -8.20
CA PHE B 622 -4.11 19.41 -7.28
C PHE B 622 -3.09 20.55 -7.37
N ASN B 623 -2.75 21.13 -6.23
CA ASN B 623 -1.73 22.18 -6.17
C ASN B 623 -0.39 21.49 -5.93
N LEU B 624 0.20 21.02 -7.02
CA LEU B 624 1.39 20.19 -6.96
C LEU B 624 2.64 21.01 -7.20
N PRO B 625 3.52 21.17 -6.21
CA PRO B 625 4.81 21.83 -6.46
C PRO B 625 5.82 20.84 -7.05
N LYS B 626 6.15 21.04 -8.32
CA LYS B 626 7.07 20.13 -9.00
C LYS B 626 8.46 20.22 -8.38
N PHE B 627 9.34 19.30 -8.84
CA PHE B 627 10.71 19.21 -8.36
C PHE B 627 11.57 20.37 -8.86
N ASP B 628 11.04 21.19 -9.75
CA ASP B 628 11.75 22.36 -10.24
C ASP B 628 11.17 23.67 -9.72
N GLY B 629 10.69 23.69 -8.48
CA GLY B 629 10.14 24.88 -7.87
C GLY B 629 8.74 25.25 -8.30
N THR B 630 8.45 25.19 -9.59
CA THR B 630 7.16 25.61 -10.11
C THR B 630 6.05 24.67 -9.65
N THR B 631 4.84 25.21 -9.58
CA THR B 631 3.67 24.47 -9.14
C THR B 631 2.70 24.31 -10.29
N ILE B 632 2.33 23.07 -10.57
CA ILE B 632 1.38 22.75 -11.64
C ILE B 632 0.04 22.42 -10.99
N GLN B 633 -1.03 22.97 -11.56
CA GLN B 633 -2.39 22.73 -11.07
C GLN B 633 -3.04 21.68 -11.94
N ILE B 634 -3.44 20.57 -11.32
CA ILE B 634 -3.97 19.43 -12.07
C ILE B 634 -5.44 19.20 -11.77
#